data_8PYW
#
_entry.id   8PYW
#
_cell.length_a   54.220
_cell.length_b   121.060
_cell.length_c   70.760
_cell.angle_alpha   90.000
_cell.angle_beta   107.135
_cell.angle_gamma   90.000
#
_symmetry.space_group_name_H-M   'P 1 21 1'
#
loop_
_entity.id
_entity.type
_entity.pdbx_description
1 polymer 'Nucleoside diphosphate kinase B'
2 non-polymer GLYCEROL
3 non-polymer '[[(2R,3R,4R,5R)-5-(2-azanyl-6-oxidanylidene-1H-purin-9-yl)-4-fluoranyl-4-methyl-3-oxidanyl-oxolan-2-yl]methoxy-sulfanyl-phosphoryl] dihydrogen phosphate'
4 water water
#
_entity_poly.entity_id   1
_entity_poly.type   'polypeptide(L)'
_entity_poly.pdbx_seq_one_letter_code
;GANLERTFIAIKPDGVQRGLVGEIIKRFEQKGFRLVAMKFLRASEEHLKQHYIDLKDRPFFPGLVKYMNSGPVVAMVWEG
LNVVKTGRVMLGETNPADSKPGTIRGDFCIQVGRNIIHGSDSVKSAEKEISLWFKPEELVDYKSCAHDWVYE
;
_entity_poly.pdbx_strand_id   A,B,C,D,E,F
#
# COMPACT_ATOMS: atom_id res chain seq x y z
N GLY A 1 5.33 -34.48 2.85
CA GLY A 1 6.65 -33.87 3.00
C GLY A 1 6.58 -32.52 3.74
N ALA A 2 7.76 -31.93 3.92
CA ALA A 2 7.86 -30.75 4.78
C ALA A 2 7.01 -29.59 4.24
N ASN A 3 6.84 -29.49 2.90
CA ASN A 3 6.12 -28.36 2.31
C ASN A 3 4.60 -28.52 2.47
N LEU A 4 4.13 -29.67 3.01
CA LEU A 4 2.70 -29.90 3.17
C LEU A 4 2.20 -29.54 4.55
N GLU A 5 3.11 -29.03 5.42
CA GLU A 5 2.67 -28.60 6.74
C GLU A 5 1.51 -27.61 6.62
N ARG A 6 0.58 -27.64 7.61
CA ARG A 6 -0.54 -26.70 7.69
C ARG A 6 -0.60 -26.05 9.08
N THR A 7 -1.14 -24.83 9.13
CA THR A 7 -1.45 -24.16 10.39
C THR A 7 -2.85 -23.60 10.36
N PHE A 8 -3.40 -23.33 11.57
CA PHE A 8 -4.70 -22.70 11.74
C PHE A 8 -4.47 -21.25 12.15
N ILE A 9 -5.07 -20.34 11.38
CA ILE A 9 -5.00 -18.90 11.66
C ILE A 9 -6.44 -18.40 11.80
N ALA A 10 -6.78 -17.72 12.89
CA ALA A 10 -8.09 -17.11 13.02
C ALA A 10 -7.92 -15.60 13.25
N ILE A 11 -8.66 -14.83 12.48
CA ILE A 11 -8.78 -13.40 12.76
C ILE A 11 -9.90 -13.22 13.78
N LYS A 12 -9.57 -12.63 14.94
CA LYS A 12 -10.45 -12.53 16.09
C LYS A 12 -11.49 -11.41 15.85
N PRO A 13 -12.52 -11.28 16.70
CA PRO A 13 -13.60 -10.34 16.36
C PRO A 13 -13.12 -8.89 16.26
N ASP A 14 -12.10 -8.51 17.06
CA ASP A 14 -11.50 -7.18 16.94
C ASP A 14 -10.84 -6.96 15.59
N GLY A 15 -10.18 -8.00 15.03
CA GLY A 15 -9.55 -7.83 13.73
C GLY A 15 -10.61 -7.62 12.63
N VAL A 16 -11.73 -8.33 12.70
CA VAL A 16 -12.81 -8.12 11.77
C VAL A 16 -13.41 -6.72 11.96
N GLN A 17 -13.70 -6.33 13.21
CA GLN A 17 -14.38 -5.08 13.49
C GLN A 17 -13.53 -3.89 13.04
N ARG A 18 -12.18 -4.03 13.13
CA ARG A 18 -11.27 -2.96 12.77
C ARG A 18 -10.85 -2.98 11.30
N GLY A 19 -11.47 -3.87 10.49
CA GLY A 19 -11.25 -3.84 9.06
C GLY A 19 -9.90 -4.33 8.57
N LEU A 20 -9.37 -5.37 9.22
CA LEU A 20 -8.04 -5.88 8.95
C LEU A 20 -8.08 -7.23 8.22
N VAL A 21 -9.22 -7.70 7.72
CA VAL A 21 -9.26 -9.04 7.14
C VAL A 21 -8.42 -9.10 5.85
N GLY A 22 -8.64 -8.13 4.95
CA GLY A 22 -7.87 -8.09 3.70
C GLY A 22 -6.37 -7.97 3.96
N GLU A 23 -6.01 -7.02 4.84
CA GLU A 23 -4.61 -6.80 5.13
C GLU A 23 -3.93 -8.08 5.64
N ILE A 24 -4.61 -8.85 6.52
CA ILE A 24 -3.98 -10.03 7.07
C ILE A 24 -3.83 -11.12 5.99
N ILE A 25 -4.89 -11.33 5.22
CA ILE A 25 -4.82 -12.36 4.17
C ILE A 25 -3.70 -12.04 3.18
N LYS A 26 -3.58 -10.77 2.81
CA LYS A 26 -2.54 -10.36 1.89
C LYS A 26 -1.14 -10.73 2.39
N ARG A 27 -0.89 -10.60 3.69
CA ARG A 27 0.42 -10.94 4.25
C ARG A 27 0.75 -12.41 4.00
N PHE A 28 -0.24 -13.29 4.16
CA PHE A 28 -0.04 -14.72 3.92
C PHE A 28 0.12 -15.04 2.44
N GLU A 29 -0.69 -14.42 1.58
CA GLU A 29 -0.58 -14.67 0.15
C GLU A 29 0.77 -14.22 -0.38
N GLN A 30 1.21 -13.01 0.01
CA GLN A 30 2.41 -12.43 -0.60
C GLN A 30 3.66 -13.20 -0.14
N LYS A 31 3.57 -13.89 1.00
CA LYS A 31 4.69 -14.66 1.52
C LYS A 31 4.95 -15.90 0.66
N GLY A 32 3.90 -16.45 0.04
CA GLY A 32 3.95 -17.68 -0.75
C GLY A 32 3.21 -18.86 -0.15
N PHE A 33 2.52 -18.67 0.97
CA PHE A 33 1.69 -19.73 1.53
C PHE A 33 0.41 -19.93 0.73
N ARG A 34 -0.13 -21.19 0.77
CA ARG A 34 -1.34 -21.55 0.05
C ARG A 34 -2.55 -21.56 0.98
N LEU A 35 -3.60 -20.82 0.61
CA LEU A 35 -4.84 -20.86 1.39
C LEU A 35 -5.53 -22.21 1.13
N VAL A 36 -5.79 -22.98 2.17
CA VAL A 36 -6.40 -24.31 2.08
C VAL A 36 -7.88 -24.25 2.41
N ALA A 37 -8.24 -23.43 3.41
CA ALA A 37 -9.62 -23.40 3.91
C ALA A 37 -9.90 -22.03 4.49
N MET A 38 -11.16 -21.61 4.38
CA MET A 38 -11.54 -20.34 4.99
C MET A 38 -13.04 -20.31 5.18
N LYS A 39 -13.47 -19.84 6.36
CA LYS A 39 -14.86 -19.57 6.60
C LYS A 39 -15.00 -18.45 7.63
N PHE A 40 -16.20 -17.90 7.68
CA PHE A 40 -16.55 -16.76 8.53
C PHE A 40 -17.75 -17.15 9.39
N LEU A 41 -17.60 -16.99 10.71
CA LEU A 41 -18.63 -17.47 11.63
C LEU A 41 -18.56 -16.75 12.95
N ARG A 42 -19.67 -16.76 13.67
CA ARG A 42 -19.64 -16.48 15.10
C ARG A 42 -19.49 -17.83 15.82
N ALA A 43 -18.32 -18.03 16.42
CA ALA A 43 -18.07 -19.29 17.14
C ALA A 43 -18.91 -19.31 18.41
N SER A 44 -19.60 -20.43 18.67
CA SER A 44 -20.41 -20.59 19.86
C SER A 44 -19.55 -20.59 21.13
N GLU A 45 -20.20 -20.31 22.25
CA GLU A 45 -19.52 -20.38 23.54
C GLU A 45 -18.94 -21.79 23.77
N GLU A 46 -19.70 -22.82 23.42
CA GLU A 46 -19.29 -24.20 23.64
C GLU A 46 -18.05 -24.47 22.80
N HIS A 47 -18.06 -24.03 21.52
CA HIS A 47 -16.94 -24.23 20.63
C HIS A 47 -15.69 -23.57 21.19
N LEU A 48 -15.85 -22.34 21.69
CA LEU A 48 -14.71 -21.58 22.19
C LEU A 48 -14.15 -22.19 23.46
N LYS A 49 -15.03 -22.69 24.33
CA LYS A 49 -14.57 -23.33 25.56
C LYS A 49 -13.71 -24.57 25.22
N GLN A 50 -14.05 -25.28 24.13
CA GLN A 50 -13.23 -26.39 23.67
C GLN A 50 -11.90 -25.90 23.11
N HIS A 51 -11.93 -24.88 22.24
CA HIS A 51 -10.72 -24.29 21.69
C HIS A 51 -9.76 -23.87 22.81
N TYR A 52 -10.31 -23.24 23.87
CA TYR A 52 -9.50 -22.70 24.96
C TYR A 52 -9.52 -23.56 26.20
N ILE A 53 -9.73 -24.88 26.04
CA ILE A 53 -9.88 -25.76 27.19
C ILE A 53 -8.68 -25.68 28.15
N ASP A 54 -7.47 -25.48 27.61
CA ASP A 54 -6.29 -25.39 28.47
C ASP A 54 -6.32 -24.18 29.42
N LEU A 55 -7.15 -23.16 29.10
CA LEU A 55 -7.15 -21.91 29.86
C LEU A 55 -8.33 -21.80 30.81
N LYS A 56 -9.11 -22.87 30.97
CA LYS A 56 -10.40 -22.78 31.63
C LYS A 56 -10.32 -22.28 33.08
N ASP A 57 -9.15 -22.40 33.74
CA ASP A 57 -9.01 -21.98 35.12
C ASP A 57 -8.30 -20.62 35.25
N ARG A 58 -7.94 -20.00 34.13
CA ARG A 58 -7.23 -18.72 34.18
C ARG A 58 -8.26 -17.63 34.51
N PRO A 59 -7.87 -16.57 35.26
CA PRO A 59 -8.86 -15.57 35.68
C PRO A 59 -9.51 -14.81 34.50
N PHE A 60 -8.80 -14.72 33.37
CA PHE A 60 -9.29 -13.99 32.21
C PHE A 60 -10.22 -14.84 31.33
N PHE A 61 -10.44 -16.12 31.67
CA PHE A 61 -11.12 -17.05 30.77
C PHE A 61 -12.57 -16.63 30.45
N PRO A 62 -13.43 -16.28 31.44
CA PRO A 62 -14.82 -15.93 31.13
C PRO A 62 -14.90 -14.75 30.15
N GLY A 63 -14.06 -13.74 30.40
CA GLY A 63 -13.99 -12.58 29.53
C GLY A 63 -13.48 -12.91 28.14
N LEU A 64 -12.51 -13.84 28.07
CA LEU A 64 -11.94 -14.23 26.82
C LEU A 64 -13.02 -14.88 25.95
N VAL A 65 -13.77 -15.82 26.55
CA VAL A 65 -14.81 -16.53 25.82
C VAL A 65 -15.89 -15.52 25.36
N LYS A 66 -16.28 -14.60 26.24
CA LYS A 66 -17.33 -13.65 25.88
C LYS A 66 -16.85 -12.77 24.71
N TYR A 67 -15.61 -12.27 24.78
CA TYR A 67 -15.06 -11.46 23.70
C TYR A 67 -14.98 -12.27 22.40
N MET A 68 -14.50 -13.50 22.48
CA MET A 68 -14.33 -14.30 21.24
C MET A 68 -15.69 -14.68 20.63
N ASN A 69 -16.78 -14.57 21.38
CA ASN A 69 -18.12 -14.80 20.88
C ASN A 69 -18.86 -13.51 20.54
N SER A 70 -18.23 -12.35 20.73
CA SER A 70 -18.91 -11.05 20.68
C SER A 70 -19.02 -10.52 19.24
N GLY A 71 -18.40 -11.21 18.28
CA GLY A 71 -18.55 -10.91 16.87
C GLY A 71 -17.95 -12.05 16.07
N PRO A 72 -18.02 -12.02 14.73
CA PRO A 72 -17.52 -13.12 13.92
C PRO A 72 -16.02 -13.12 13.84
N VAL A 73 -15.50 -14.32 13.54
CA VAL A 73 -14.09 -14.56 13.27
C VAL A 73 -13.93 -15.10 11.85
N VAL A 74 -12.76 -14.88 11.28
CA VAL A 74 -12.37 -15.54 10.03
C VAL A 74 -11.43 -16.67 10.40
N ALA A 75 -11.85 -17.90 10.10
CA ALA A 75 -11.02 -19.06 10.37
C ALA A 75 -10.39 -19.52 9.07
N MET A 76 -9.11 -19.87 9.13
CA MET A 76 -8.33 -20.21 7.94
C MET A 76 -7.37 -21.37 8.22
N VAL A 77 -7.03 -22.10 7.14
CA VAL A 77 -5.93 -23.03 7.12
C VAL A 77 -4.98 -22.59 6.01
N TRP A 78 -3.70 -22.52 6.33
CA TRP A 78 -2.63 -22.18 5.39
C TRP A 78 -1.56 -23.26 5.37
N GLU A 79 -1.03 -23.53 4.17
CA GLU A 79 -0.04 -24.58 3.93
C GLU A 79 1.26 -23.97 3.47
N GLY A 80 2.35 -24.59 3.95
CA GLY A 80 3.67 -24.36 3.40
C GLY A 80 4.77 -24.80 4.34
N LEU A 81 6.01 -24.74 3.84
CA LEU A 81 7.17 -25.17 4.62
C LEU A 81 7.24 -24.34 5.92
N ASN A 82 7.30 -25.06 7.06
CA ASN A 82 7.36 -24.43 8.38
C ASN A 82 6.29 -23.37 8.62
N VAL A 83 5.10 -23.53 8.02
CA VAL A 83 4.07 -22.53 8.12
C VAL A 83 3.65 -22.31 9.59
N VAL A 84 3.68 -23.34 10.44
CA VAL A 84 3.29 -23.07 11.84
C VAL A 84 4.24 -22.06 12.48
N LYS A 85 5.55 -22.38 12.48
CA LYS A 85 6.52 -21.52 13.18
C LYS A 85 6.65 -20.14 12.48
N THR A 86 6.71 -20.15 11.14
CA THR A 86 6.83 -18.91 10.36
C THR A 86 5.56 -18.06 10.49
N GLY A 87 4.39 -18.70 10.48
CA GLY A 87 3.13 -18.04 10.75
C GLY A 87 3.20 -17.27 12.07
N ARG A 88 3.68 -17.93 13.09
CA ARG A 88 3.82 -17.26 14.40
C ARG A 88 4.74 -16.05 14.31
N VAL A 89 5.87 -16.17 13.60
CA VAL A 89 6.76 -15.01 13.43
C VAL A 89 6.03 -13.86 12.73
N MET A 90 5.26 -14.16 11.71
CA MET A 90 4.52 -13.17 10.94
C MET A 90 3.47 -12.47 11.81
N LEU A 91 2.82 -13.22 12.70
CA LEU A 91 1.86 -12.63 13.64
C LEU A 91 2.53 -11.72 14.66
N GLY A 92 3.73 -12.11 15.13
CA GLY A 92 4.42 -11.41 16.19
C GLY A 92 4.12 -12.09 17.52
N GLU A 93 4.67 -11.55 18.58
CA GLU A 93 4.44 -12.12 19.91
C GLU A 93 2.97 -11.99 20.29
N THR A 94 2.49 -12.94 21.09
CA THR A 94 1.11 -12.99 21.53
CA THR A 94 1.08 -12.95 21.47
C THR A 94 0.72 -11.69 22.23
N ASN A 95 1.62 -11.17 23.04
CA ASN A 95 1.45 -9.88 23.69
C ASN A 95 1.87 -8.74 22.74
N PRO A 96 0.94 -7.90 22.24
CA PRO A 96 1.34 -6.89 21.25
C PRO A 96 2.42 -5.93 21.73
N ALA A 97 2.56 -5.73 23.05
CA ALA A 97 3.61 -4.89 23.64
C ALA A 97 4.99 -5.33 23.14
N ASP A 98 5.14 -6.64 22.93
CA ASP A 98 6.43 -7.22 22.56
C ASP A 98 6.54 -7.58 21.06
N SER A 99 5.51 -7.26 20.25
CA SER A 99 5.47 -7.61 18.84
C SER A 99 6.20 -6.51 18.06
N LYS A 100 7.06 -6.90 17.15
CA LYS A 100 7.92 -5.97 16.45
C LYS A 100 7.17 -5.32 15.30
N PRO A 101 7.53 -4.06 14.95
CA PRO A 101 7.00 -3.48 13.71
C PRO A 101 7.31 -4.39 12.53
N GLY A 102 6.37 -4.47 11.61
CA GLY A 102 6.44 -5.41 10.50
C GLY A 102 5.62 -6.67 10.70
N THR A 103 5.31 -7.02 11.96
CA THR A 103 4.44 -8.14 12.24
C THR A 103 2.99 -7.66 12.26
N ILE A 104 2.06 -8.58 12.14
CA ILE A 104 0.64 -8.24 12.16
C ILE A 104 0.30 -7.56 13.50
N ARG A 105 0.63 -8.20 14.64
CA ARG A 105 0.25 -7.56 15.91
C ARG A 105 1.05 -6.28 16.16
N GLY A 106 2.32 -6.25 15.76
CA GLY A 106 3.16 -5.08 15.92
C GLY A 106 2.60 -3.87 15.18
N ASP A 107 2.11 -4.12 13.97
CA ASP A 107 1.61 -3.01 13.15
C ASP A 107 0.20 -2.58 13.55
N PHE A 108 -0.65 -3.49 14.10
CA PHE A 108 -2.07 -3.26 14.10
C PHE A 108 -2.81 -3.36 15.43
N CYS A 109 -2.13 -3.64 16.55
CA CYS A 109 -2.88 -3.67 17.82
C CYS A 109 -1.99 -3.44 19.02
N ILE A 110 -2.60 -3.35 20.22
CA ILE A 110 -1.99 -2.73 21.38
C ILE A 110 -1.98 -3.64 22.62
N GLN A 111 -3.10 -4.23 22.95
CA GLN A 111 -3.32 -4.87 24.24
C GLN A 111 -3.57 -6.37 24.08
N VAL A 112 -3.11 -7.16 25.06
CA VAL A 112 -3.13 -8.62 24.97
CA VAL A 112 -3.13 -8.61 24.96
C VAL A 112 -4.56 -9.17 24.85
N GLY A 113 -5.53 -8.54 25.53
CA GLY A 113 -6.92 -9.02 25.46
C GLY A 113 -7.66 -8.62 24.16
N ARG A 114 -7.00 -7.83 23.30
CA ARG A 114 -7.52 -7.46 21.99
C ARG A 114 -6.37 -7.59 21.00
N ASN A 115 -5.94 -8.83 20.78
CA ASN A 115 -4.72 -9.06 19.99
C ASN A 115 -4.95 -9.64 18.60
N ILE A 116 -6.13 -9.36 18.04
CA ILE A 116 -6.61 -9.48 16.64
C ILE A 116 -6.51 -10.83 15.92
N ILE A 117 -5.67 -11.75 16.39
CA ILE A 117 -5.35 -12.91 15.59
C ILE A 117 -4.86 -14.03 16.48
N HIS A 118 -5.09 -15.27 16.00
CA HIS A 118 -4.55 -16.49 16.60
C HIS A 118 -3.79 -17.26 15.51
N GLY A 119 -2.65 -17.87 15.90
CA GLY A 119 -2.01 -18.89 15.06
C GLY A 119 -1.64 -20.12 15.89
N SER A 120 -1.74 -21.33 15.31
CA SER A 120 -1.34 -22.52 16.04
C SER A 120 0.08 -22.43 16.61
N ASP A 121 0.31 -22.97 17.78
CA ASP A 121 1.65 -22.91 18.40
C ASP A 121 2.57 -24.07 17.99
N SER A 122 2.02 -25.15 17.41
CA SER A 122 2.79 -26.36 17.10
C SER A 122 2.04 -27.12 16.02
N VAL A 123 2.69 -28.10 15.38
CA VAL A 123 2.01 -28.94 14.41
C VAL A 123 0.91 -29.77 15.07
N LYS A 124 1.19 -30.26 16.29
CA LYS A 124 0.19 -31.04 17.00
C LYS A 124 -1.05 -30.18 17.28
N SER A 125 -0.83 -28.94 17.73
CA SER A 125 -1.95 -28.06 18.03
CA SER A 125 -1.95 -28.05 18.04
C SER A 125 -2.68 -27.69 16.75
N ALA A 126 -1.94 -27.44 15.66
CA ALA A 126 -2.55 -27.13 14.38
C ALA A 126 -3.53 -28.22 13.95
N GLU A 127 -3.11 -29.47 14.05
CA GLU A 127 -3.97 -30.55 13.57
C GLU A 127 -5.22 -30.68 14.43
N LYS A 128 -5.07 -30.47 15.73
CA LYS A 128 -6.21 -30.47 16.65
C LYS A 128 -7.18 -29.32 16.31
N GLU A 129 -6.63 -28.13 16.08
CA GLU A 129 -7.43 -26.94 15.82
C GLU A 129 -8.13 -27.09 14.46
N ILE A 130 -7.43 -27.63 13.46
CA ILE A 130 -8.04 -27.80 12.16
C ILE A 130 -9.23 -28.77 12.25
N SER A 131 -9.10 -29.86 12.99
CA SER A 131 -10.16 -30.83 13.20
C SER A 131 -11.35 -30.20 13.93
N LEU A 132 -11.07 -29.31 14.89
CA LEU A 132 -12.13 -28.68 15.67
C LEU A 132 -12.93 -27.70 14.81
N TRP A 133 -12.24 -26.87 14.03
CA TRP A 133 -12.85 -25.73 13.37
C TRP A 133 -13.35 -26.04 11.97
N PHE A 134 -12.84 -27.11 11.32
CA PHE A 134 -13.19 -27.39 9.93
C PHE A 134 -13.67 -28.83 9.76
N LYS A 135 -14.61 -29.01 8.83
CA LYS A 135 -14.90 -30.32 8.30
C LYS A 135 -13.80 -30.74 7.32
N PRO A 136 -13.46 -32.03 7.20
CA PRO A 136 -12.41 -32.45 6.29
C PRO A 136 -12.62 -31.97 4.84
N GLU A 137 -13.87 -31.96 4.41
CA GLU A 137 -14.20 -31.61 3.04
C GLU A 137 -14.04 -30.10 2.80
N GLU A 138 -13.89 -29.28 3.83
CA GLU A 138 -13.68 -27.85 3.66
C GLU A 138 -12.23 -27.51 3.32
N LEU A 139 -11.29 -28.46 3.40
CA LEU A 139 -9.89 -28.24 3.07
C LEU A 139 -9.65 -28.58 1.60
N VAL A 140 -9.32 -27.55 0.80
CA VAL A 140 -9.34 -27.69 -0.66
C VAL A 140 -7.93 -28.02 -1.15
N ASP A 141 -7.84 -29.03 -2.01
CA ASP A 141 -6.59 -29.46 -2.65
C ASP A 141 -6.46 -28.79 -4.03
N TYR A 142 -5.47 -27.92 -4.20
CA TYR A 142 -5.15 -27.31 -5.48
C TYR A 142 -3.68 -26.95 -5.45
N LYS A 143 -3.09 -26.68 -6.63
CA LYS A 143 -1.67 -26.38 -6.72
C LYS A 143 -1.52 -24.93 -7.17
N SER A 144 -0.73 -24.15 -6.40
CA SER A 144 -0.43 -22.79 -6.80
CA SER A 144 -0.44 -22.78 -6.80
C SER A 144 0.35 -22.74 -8.11
N CYS A 145 -0.01 -21.81 -8.99
CA CYS A 145 0.66 -21.62 -10.26
C CYS A 145 2.14 -21.24 -10.07
N ALA A 146 2.49 -20.65 -8.92
CA ALA A 146 3.86 -20.24 -8.68
C ALA A 146 4.63 -21.23 -7.80
N HIS A 147 4.05 -22.42 -7.54
CA HIS A 147 4.70 -23.40 -6.66
C HIS A 147 6.18 -23.59 -6.96
N ASP A 148 6.57 -23.75 -8.22
CA ASP A 148 7.94 -24.07 -8.57
C ASP A 148 8.88 -22.87 -8.47
N TRP A 149 8.30 -21.67 -8.31
CA TRP A 149 9.08 -20.46 -8.07
C TRP A 149 9.21 -20.13 -6.57
N VAL A 150 8.39 -20.79 -5.75
CA VAL A 150 8.47 -20.64 -4.29
C VAL A 150 9.31 -21.76 -3.68
N TYR A 151 9.27 -22.95 -4.29
CA TYR A 151 9.96 -24.13 -3.78
C TYR A 151 10.88 -24.76 -4.81
N GLU A 152 12.08 -25.14 -4.32
CA GLU A 152 13.03 -25.93 -5.10
C GLU A 152 12.48 -27.32 -5.42
N GLY B 1 -34.46 -1.99 5.52
CA GLY B 1 -34.47 -0.83 4.61
C GLY B 1 -33.23 -0.79 3.72
N ALA B 2 -32.95 0.40 3.17
CA ALA B 2 -32.03 0.51 2.06
C ALA B 2 -30.62 0.10 2.49
N ASN B 3 -30.23 0.36 3.76
CA ASN B 3 -28.87 0.08 4.21
C ASN B 3 -28.66 -1.43 4.44
N LEU B 4 -29.71 -2.24 4.34
CA LEU B 4 -29.64 -3.66 4.60
C LEU B 4 -29.47 -4.47 3.32
N GLU B 5 -29.39 -3.79 2.18
CA GLU B 5 -29.21 -4.50 0.91
C GLU B 5 -27.94 -5.36 0.97
N ARG B 6 -27.97 -6.51 0.28
CA ARG B 6 -26.85 -7.44 0.19
C ARG B 6 -26.53 -7.77 -1.28
N THR B 7 -25.25 -8.06 -1.53
CA THR B 7 -24.84 -8.59 -2.83
C THR B 7 -23.95 -9.81 -2.61
N PHE B 8 -23.83 -10.63 -3.67
CA PHE B 8 -22.96 -11.78 -3.73
C PHE B 8 -21.73 -11.40 -4.55
N ILE B 9 -20.55 -11.57 -3.95
CA ILE B 9 -19.27 -11.33 -4.63
C ILE B 9 -18.51 -12.63 -4.59
N ALA B 10 -17.95 -13.08 -5.72
CA ALA B 10 -17.13 -14.28 -5.74
C ALA B 10 -15.81 -13.96 -6.41
N ILE B 11 -14.69 -14.24 -5.73
CA ILE B 11 -13.39 -14.18 -6.35
C ILE B 11 -13.15 -15.48 -7.11
N LYS B 12 -12.95 -15.37 -8.43
CA LYS B 12 -12.90 -16.49 -9.36
C LYS B 12 -11.54 -17.18 -9.22
N PRO B 13 -11.36 -18.39 -9.80
CA PRO B 13 -10.14 -19.16 -9.53
C PRO B 13 -8.86 -18.43 -9.91
N ASP B 14 -8.91 -17.60 -10.96
CA ASP B 14 -7.75 -16.79 -11.36
C ASP B 14 -7.41 -15.74 -10.30
N GLY B 15 -8.41 -15.17 -9.63
CA GLY B 15 -8.16 -14.18 -8.59
C GLY B 15 -7.47 -14.84 -7.38
N VAL B 16 -7.87 -16.07 -7.04
CA VAL B 16 -7.20 -16.81 -5.98
C VAL B 16 -5.78 -17.14 -6.41
N GLN B 17 -5.61 -17.68 -7.63
CA GLN B 17 -4.32 -18.18 -8.07
C GLN B 17 -3.30 -17.05 -8.17
N ARG B 18 -3.79 -15.82 -8.49
CA ARG B 18 -2.92 -14.67 -8.67
C ARG B 18 -2.76 -13.85 -7.38
N GLY B 19 -3.24 -14.39 -6.25
CA GLY B 19 -2.93 -13.80 -4.95
C GLY B 19 -3.62 -12.47 -4.67
N LEU B 20 -4.87 -12.32 -5.12
CA LEU B 20 -5.64 -11.09 -4.99
C LEU B 20 -6.74 -11.15 -3.94
N VAL B 21 -6.81 -12.18 -3.10
CA VAL B 21 -7.94 -12.31 -2.18
C VAL B 21 -7.92 -11.15 -1.17
N GLY B 22 -6.78 -10.94 -0.54
CA GLY B 22 -6.69 -9.89 0.47
C GLY B 22 -6.95 -8.52 -0.10
N GLU B 23 -6.34 -8.24 -1.26
CA GLU B 23 -6.50 -6.93 -1.89
C GLU B 23 -7.99 -6.67 -2.18
N ILE B 24 -8.74 -7.69 -2.66
CA ILE B 24 -10.13 -7.45 -3.02
C ILE B 24 -10.94 -7.23 -1.73
N ILE B 25 -10.73 -8.06 -0.68
CA ILE B 25 -11.51 -7.90 0.53
C ILE B 25 -11.24 -6.52 1.13
N LYS B 26 -9.98 -6.08 1.13
CA LYS B 26 -9.62 -4.75 1.66
C LYS B 26 -10.43 -3.64 0.96
N ARG B 27 -10.66 -3.75 -0.36
CA ARG B 27 -11.44 -2.73 -1.06
C ARG B 27 -12.85 -2.59 -0.51
N PHE B 28 -13.48 -3.72 -0.18
CA PHE B 28 -14.83 -3.72 0.36
C PHE B 28 -14.84 -3.22 1.80
N GLU B 29 -13.86 -3.65 2.61
CA GLU B 29 -13.79 -3.19 3.99
C GLU B 29 -13.59 -1.68 4.05
N GLN B 30 -12.66 -1.17 3.25
CA GLN B 30 -12.29 0.23 3.38
C GLN B 30 -13.43 1.15 2.93
N LYS B 31 -14.31 0.66 2.06
CA LYS B 31 -15.44 1.43 1.57
C LYS B 31 -16.46 1.68 2.68
N GLY B 32 -16.59 0.70 3.60
CA GLY B 32 -17.59 0.76 4.68
C GLY B 32 -18.68 -0.32 4.59
N PHE B 33 -18.57 -1.24 3.64
CA PHE B 33 -19.48 -2.37 3.56
C PHE B 33 -19.18 -3.40 4.65
N ARG B 34 -20.22 -4.14 5.06
CA ARG B 34 -20.11 -5.14 6.13
C ARG B 34 -20.05 -6.54 5.52
N LEU B 35 -19.03 -7.30 5.88
CA LEU B 35 -18.91 -8.69 5.45
C LEU B 35 -19.93 -9.51 6.24
N VAL B 36 -20.84 -10.19 5.53
CA VAL B 36 -21.91 -10.98 6.15
C VAL B 36 -21.57 -12.47 6.14
N ALA B 37 -20.95 -12.95 5.07
CA ALA B 37 -20.68 -14.37 4.92
C ALA B 37 -19.46 -14.56 4.04
N MET B 38 -18.76 -15.67 4.28
CA MET B 38 -17.59 -15.97 3.44
C MET B 38 -17.25 -17.43 3.60
N LYS B 39 -16.96 -18.07 2.46
CA LYS B 39 -16.36 -19.40 2.44
C LYS B 39 -15.55 -19.61 1.17
N PHE B 40 -14.77 -20.68 1.17
CA PHE B 40 -13.77 -21.00 0.18
C PHE B 40 -13.99 -22.44 -0.25
N LEU B 41 -14.18 -22.66 -1.57
CA LEU B 41 -14.58 -23.98 -2.04
C LEU B 41 -14.27 -24.12 -3.52
N ARG B 42 -14.16 -25.36 -3.94
CA ARG B 42 -14.24 -25.69 -5.35
C ARG B 42 -15.69 -25.99 -5.68
N ALA B 43 -16.31 -25.11 -6.43
CA ALA B 43 -17.71 -25.29 -6.83
C ALA B 43 -17.83 -26.41 -7.84
N SER B 44 -18.79 -27.32 -7.62
CA SER B 44 -19.00 -28.44 -8.53
C SER B 44 -19.52 -27.94 -9.88
N GLU B 45 -19.34 -28.75 -10.90
CA GLU B 45 -19.92 -28.47 -12.21
C GLU B 45 -21.40 -28.26 -12.13
N GLU B 46 -22.11 -29.13 -11.39
CA GLU B 46 -23.55 -29.02 -11.28
C GLU B 46 -23.92 -27.67 -10.66
N HIS B 47 -23.22 -27.28 -9.59
CA HIS B 47 -23.47 -26.01 -8.92
C HIS B 47 -23.27 -24.86 -9.87
N LEU B 48 -22.20 -24.90 -10.66
CA LEU B 48 -21.85 -23.79 -11.54
C LEU B 48 -22.87 -23.70 -12.69
N LYS B 49 -23.31 -24.85 -13.19
CA LYS B 49 -24.30 -24.85 -14.25
C LYS B 49 -25.60 -24.19 -13.78
N GLN B 50 -25.93 -24.36 -12.49
CA GLN B 50 -27.10 -23.69 -11.93
C GLN B 50 -26.84 -22.19 -11.81
N HIS B 51 -25.68 -21.81 -11.27
CA HIS B 51 -25.30 -20.40 -11.13
C HIS B 51 -25.40 -19.71 -12.49
N TYR B 52 -24.91 -20.37 -13.56
CA TYR B 52 -24.84 -19.77 -14.89
C TYR B 52 -25.95 -20.26 -15.83
N ILE B 53 -27.08 -20.70 -15.29
CA ILE B 53 -28.10 -21.33 -16.11
C ILE B 53 -28.57 -20.42 -17.25
N ASP B 54 -28.60 -19.11 -17.03
CA ASP B 54 -29.06 -18.20 -18.08
C ASP B 54 -28.08 -18.15 -19.27
N LEU B 55 -26.83 -18.63 -19.09
CA LEU B 55 -25.82 -18.55 -20.15
C LEU B 55 -25.61 -19.88 -20.86
N LYS B 56 -26.43 -20.88 -20.58
CA LYS B 56 -26.12 -22.25 -20.98
C LYS B 56 -26.01 -22.43 -22.50
N ASP B 57 -26.60 -21.52 -23.29
CA ASP B 57 -26.53 -21.62 -24.74
C ASP B 57 -25.51 -20.65 -25.34
N ARG B 58 -24.74 -19.93 -24.53
CA ARG B 58 -23.74 -19.01 -25.07
C ARG B 58 -22.53 -19.83 -25.48
N PRO B 59 -21.79 -19.44 -26.55
CA PRO B 59 -20.73 -20.31 -27.07
C PRO B 59 -19.58 -20.54 -26.07
N PHE B 60 -19.37 -19.59 -25.17
CA PHE B 60 -18.29 -19.65 -24.19
C PHE B 60 -18.65 -20.49 -22.97
N PHE B 61 -19.89 -21.03 -22.88
CA PHE B 61 -20.39 -21.60 -21.63
C PHE B 61 -19.57 -22.83 -21.18
N PRO B 62 -19.28 -23.83 -22.03
CA PRO B 62 -18.56 -25.03 -21.56
C PRO B 62 -17.20 -24.66 -20.96
N GLY B 63 -16.49 -23.75 -21.63
CA GLY B 63 -15.21 -23.25 -21.16
C GLY B 63 -15.33 -22.46 -19.87
N LEU B 64 -16.43 -21.72 -19.73
CA LEU B 64 -16.64 -20.91 -18.53
C LEU B 64 -16.78 -21.85 -17.34
N VAL B 65 -17.61 -22.88 -17.49
CA VAL B 65 -17.86 -23.82 -16.41
C VAL B 65 -16.56 -24.55 -16.05
N LYS B 66 -15.81 -24.97 -17.06
CA LYS B 66 -14.57 -25.69 -16.79
C LYS B 66 -13.59 -24.81 -16.02
N TYR B 67 -13.42 -23.55 -16.46
CA TYR B 67 -12.55 -22.63 -15.76
C TYR B 67 -13.05 -22.38 -14.34
N MET B 68 -14.35 -22.17 -14.15
CA MET B 68 -14.86 -21.86 -12.83
C MET B 68 -14.75 -23.06 -11.87
N ASN B 69 -14.56 -24.27 -12.41
CA ASN B 69 -14.33 -25.47 -11.60
C ASN B 69 -12.83 -25.82 -11.47
N SER B 70 -11.94 -25.04 -12.07
CA SER B 70 -10.53 -25.43 -12.22
C SER B 70 -9.70 -25.05 -11.00
N GLY B 71 -10.31 -24.33 -10.05
CA GLY B 71 -9.69 -24.09 -8.76
C GLY B 71 -10.73 -23.55 -7.80
N PRO B 72 -10.37 -23.30 -6.52
CA PRO B 72 -11.32 -22.75 -5.58
C PRO B 72 -11.63 -21.27 -5.83
N VAL B 73 -12.82 -20.90 -5.37
CA VAL B 73 -13.33 -19.54 -5.33
C VAL B 73 -13.54 -19.10 -3.88
N VAL B 74 -13.51 -17.80 -3.66
CA VAL B 74 -13.95 -17.17 -2.43
C VAL B 74 -15.34 -16.63 -2.66
N ALA B 75 -16.33 -17.16 -1.95
CA ALA B 75 -17.72 -16.74 -2.04
C ALA B 75 -18.01 -15.84 -0.84
N MET B 76 -18.66 -14.71 -1.07
CA MET B 76 -18.89 -13.72 -0.02
C MET B 76 -20.27 -13.06 -0.19
N VAL B 77 -20.80 -12.58 0.93
CA VAL B 77 -21.95 -11.71 0.94
C VAL B 77 -21.51 -10.43 1.66
N TRP B 78 -21.81 -9.28 1.02
CA TRP B 78 -21.56 -7.96 1.60
C TRP B 78 -22.87 -7.17 1.68
N GLU B 79 -22.95 -6.33 2.73
CA GLU B 79 -24.12 -5.54 3.05
C GLU B 79 -23.79 -4.06 3.01
N GLY B 80 -24.74 -3.29 2.50
CA GLY B 80 -24.70 -1.84 2.64
C GLY B 80 -25.64 -1.15 1.66
N LEU B 81 -25.76 0.17 1.83
CA LEU B 81 -26.61 0.98 0.97
C LEU B 81 -26.10 0.84 -0.48
N ASN B 82 -27.02 0.45 -1.36
CA ASN B 82 -26.71 0.26 -2.79
C ASN B 82 -25.52 -0.64 -3.06
N VAL B 83 -25.31 -1.63 -2.20
CA VAL B 83 -24.13 -2.46 -2.35
C VAL B 83 -24.14 -3.22 -3.67
N VAL B 84 -25.30 -3.57 -4.23
CA VAL B 84 -25.28 -4.27 -5.51
C VAL B 84 -24.69 -3.38 -6.60
N LYS B 85 -25.29 -2.20 -6.80
CA LYS B 85 -24.84 -1.34 -7.90
C LYS B 85 -23.45 -0.76 -7.66
N THR B 86 -23.16 -0.35 -6.39
CA THR B 86 -21.85 0.21 -6.05
C THR B 86 -20.79 -0.88 -6.11
N GLY B 87 -21.09 -2.10 -5.66
CA GLY B 87 -20.19 -3.22 -5.80
C GLY B 87 -19.79 -3.41 -7.26
N ARG B 88 -20.75 -3.34 -8.17
CA ARG B 88 -20.45 -3.48 -9.58
C ARG B 88 -19.55 -2.35 -10.07
N VAL B 89 -19.75 -1.12 -9.60
CA VAL B 89 -18.88 -0.02 -9.98
C VAL B 89 -17.43 -0.28 -9.50
N MET B 90 -17.32 -0.76 -8.29
CA MET B 90 -16.01 -1.06 -7.68
C MET B 90 -15.29 -2.16 -8.47
N LEU B 91 -16.01 -3.18 -8.90
CA LEU B 91 -15.43 -4.25 -9.73
C LEU B 91 -14.96 -3.72 -11.08
N GLY B 92 -15.72 -2.80 -11.69
CA GLY B 92 -15.49 -2.32 -13.03
C GLY B 92 -16.37 -3.10 -13.99
N GLU B 93 -16.23 -2.79 -15.26
CA GLU B 93 -16.98 -3.45 -16.31
C GLU B 93 -16.61 -4.94 -16.34
N THR B 94 -17.58 -5.76 -16.72
CA THR B 94 -17.39 -7.20 -16.78
CA THR B 94 -17.33 -7.20 -16.71
C THR B 94 -16.22 -7.55 -17.72
N ASN B 95 -16.14 -6.83 -18.84
CA ASN B 95 -15.02 -6.96 -19.76
C ASN B 95 -13.85 -6.07 -19.30
N PRO B 96 -12.71 -6.65 -18.86
CA PRO B 96 -11.62 -5.84 -18.31
C PRO B 96 -11.09 -4.79 -19.29
N ALA B 97 -11.28 -4.99 -20.61
CA ALA B 97 -10.87 -4.04 -21.63
C ALA B 97 -11.47 -2.65 -21.34
N ASP B 98 -12.67 -2.64 -20.77
CA ASP B 98 -13.43 -1.42 -20.55
C ASP B 98 -13.43 -0.97 -19.09
N SER B 99 -12.72 -1.70 -18.20
CA SER B 99 -12.73 -1.42 -16.77
C SER B 99 -11.72 -0.32 -16.51
N LYS B 100 -12.09 0.67 -15.70
CA LYS B 100 -11.27 1.86 -15.55
C LYS B 100 -10.21 1.60 -14.49
N PRO B 101 -9.05 2.25 -14.60
CA PRO B 101 -8.07 2.21 -13.51
C PRO B 101 -8.72 2.68 -12.21
N GLY B 102 -8.38 2.01 -11.09
CA GLY B 102 -9.07 2.27 -9.86
C GLY B 102 -10.09 1.20 -9.46
N THR B 103 -10.63 0.49 -10.48
CA THR B 103 -11.55 -0.61 -10.21
C THR B 103 -10.74 -1.90 -10.06
N ILE B 104 -11.37 -2.94 -9.51
CA ILE B 104 -10.70 -4.20 -9.29
C ILE B 104 -10.27 -4.76 -10.65
N ARG B 105 -11.20 -4.92 -11.60
CA ARG B 105 -10.77 -5.48 -12.89
C ARG B 105 -9.80 -4.56 -13.62
N GLY B 106 -10.00 -3.25 -13.54
CA GLY B 106 -9.15 -2.30 -14.23
C GLY B 106 -7.70 -2.37 -13.73
N ASP B 107 -7.55 -2.55 -12.44
CA ASP B 107 -6.21 -2.62 -11.84
C ASP B 107 -5.53 -3.97 -12.07
N PHE B 108 -6.29 -5.07 -12.12
CA PHE B 108 -5.70 -6.39 -11.88
C PHE B 108 -5.91 -7.46 -12.96
N CYS B 109 -6.63 -7.19 -14.05
CA CYS B 109 -6.74 -8.24 -15.07
C CYS B 109 -7.00 -7.67 -16.46
N ILE B 110 -7.01 -8.56 -17.46
CA ILE B 110 -6.86 -8.15 -18.85
C ILE B 110 -7.97 -8.67 -19.76
N GLN B 111 -8.33 -9.97 -19.60
CA GLN B 111 -9.16 -10.63 -20.60
C GLN B 111 -10.47 -11.11 -20.00
N VAL B 112 -11.55 -11.07 -20.84
CA VAL B 112 -12.88 -11.32 -20.31
C VAL B 112 -13.07 -12.73 -19.74
N GLY B 113 -12.38 -13.71 -20.32
CA GLY B 113 -12.48 -15.08 -19.83
C GLY B 113 -11.66 -15.38 -18.57
N ARG B 114 -10.86 -14.39 -18.12
CA ARG B 114 -10.10 -14.45 -16.89
C ARG B 114 -10.29 -13.12 -16.15
N ASN B 115 -11.53 -12.86 -15.73
CA ASN B 115 -11.88 -11.53 -15.19
C ASN B 115 -12.05 -11.47 -13.66
N ILE B 116 -11.34 -12.35 -12.96
CA ILE B 116 -11.04 -12.44 -11.52
C ILE B 116 -12.18 -12.42 -10.51
N ILE B 117 -13.37 -11.91 -10.85
CA ILE B 117 -14.37 -11.63 -9.84
C ILE B 117 -15.76 -11.60 -10.49
N HIS B 118 -16.78 -11.92 -9.67
CA HIS B 118 -18.18 -11.82 -9.99
C HIS B 118 -18.86 -10.93 -8.93
N GLY B 119 -19.81 -10.08 -9.38
CA GLY B 119 -20.76 -9.44 -8.49
C GLY B 119 -22.18 -9.54 -9.02
N SER B 120 -23.18 -9.68 -8.13
CA SER B 120 -24.57 -9.74 -8.57
C SER B 120 -24.91 -8.54 -9.44
N ASP B 121 -25.75 -8.71 -10.46
CA ASP B 121 -26.13 -7.61 -11.33
C ASP B 121 -27.38 -6.87 -10.86
N SER B 122 -28.13 -7.42 -9.89
CA SER B 122 -29.38 -6.83 -9.42
C SER B 122 -29.67 -7.37 -8.02
N VAL B 123 -30.60 -6.72 -7.30
CA VAL B 123 -31.00 -7.24 -5.99
C VAL B 123 -31.67 -8.59 -6.14
N LYS B 124 -32.50 -8.75 -7.17
CA LYS B 124 -33.17 -10.01 -7.40
C LYS B 124 -32.17 -11.14 -7.65
N SER B 125 -31.15 -10.85 -8.48
CA SER B 125 -30.11 -11.84 -8.77
C SER B 125 -29.30 -12.12 -7.51
N ALA B 126 -28.99 -11.09 -6.73
CA ALA B 126 -28.24 -11.24 -5.48
C ALA B 126 -28.93 -12.21 -4.56
N GLU B 127 -30.25 -12.06 -4.38
CA GLU B 127 -30.93 -12.92 -3.40
C GLU B 127 -30.93 -14.36 -3.90
N LYS B 128 -31.05 -14.55 -5.23
CA LYS B 128 -30.98 -15.88 -5.80
C LYS B 128 -29.58 -16.50 -5.59
N GLU B 129 -28.54 -15.73 -5.86
CA GLU B 129 -27.16 -16.18 -5.72
C GLU B 129 -26.82 -16.48 -4.26
N ILE B 130 -27.30 -15.64 -3.33
CA ILE B 130 -27.03 -15.85 -1.92
C ILE B 130 -27.66 -17.17 -1.46
N SER B 131 -28.90 -17.44 -1.88
CA SER B 131 -29.60 -18.69 -1.54
C SER B 131 -28.88 -19.91 -2.12
N LEU B 132 -28.33 -19.76 -3.34
CA LEU B 132 -27.67 -20.89 -4.01
C LEU B 132 -26.35 -21.23 -3.32
N TRP B 133 -25.56 -20.20 -2.95
CA TRP B 133 -24.21 -20.41 -2.48
C TRP B 133 -24.12 -20.59 -0.97
N PHE B 134 -25.11 -20.13 -0.20
CA PHE B 134 -24.98 -20.09 1.25
C PHE B 134 -26.18 -20.74 1.93
N LYS B 135 -25.89 -21.44 3.04
CA LYS B 135 -26.93 -21.83 3.99
C LYS B 135 -27.35 -20.62 4.80
N PRO B 136 -28.62 -20.48 5.21
CA PRO B 136 -29.08 -19.28 5.91
C PRO B 136 -28.27 -19.00 7.17
N GLU B 137 -27.86 -20.05 7.88
CA GLU B 137 -27.14 -19.87 9.13
C GLU B 137 -25.70 -19.39 8.89
N GLU B 138 -25.20 -19.40 7.66
CA GLU B 138 -23.85 -18.90 7.35
C GLU B 138 -23.82 -17.39 7.19
N LEU B 139 -24.99 -16.71 7.19
CA LEU B 139 -25.06 -15.25 7.11
C LEU B 139 -25.05 -14.71 8.55
N VAL B 140 -23.98 -13.99 8.93
CA VAL B 140 -23.78 -13.59 10.31
C VAL B 140 -24.36 -12.20 10.52
N ASP B 141 -25.16 -12.05 11.60
CA ASP B 141 -25.71 -10.76 12.01
C ASP B 141 -24.82 -10.16 13.10
N TYR B 142 -24.19 -9.02 12.79
CA TYR B 142 -23.40 -8.26 13.72
C TYR B 142 -23.43 -6.82 13.25
N LYS B 143 -23.05 -5.91 14.13
CA LYS B 143 -23.06 -4.49 13.81
C LYS B 143 -21.64 -3.96 13.82
N SER B 144 -21.27 -3.29 12.73
CA SER B 144 -19.98 -2.64 12.64
C SER B 144 -19.85 -1.53 13.68
N CYS B 145 -18.67 -1.48 14.35
CA CYS B 145 -18.39 -0.45 15.33
C CYS B 145 -18.42 0.95 14.72
N ALA B 146 -18.22 1.07 13.41
CA ALA B 146 -18.19 2.38 12.76
C ALA B 146 -19.52 2.70 12.07
N HIS B 147 -20.56 1.89 12.28
CA HIS B 147 -21.82 2.06 11.56
C HIS B 147 -22.32 3.50 11.59
N ASP B 148 -22.30 4.18 12.76
CA ASP B 148 -22.88 5.53 12.85
C ASP B 148 -21.98 6.61 12.26
N TRP B 149 -20.75 6.22 11.90
CA TRP B 149 -19.86 7.12 11.16
C TRP B 149 -19.90 6.87 9.65
N VAL B 150 -20.51 5.74 9.23
CA VAL B 150 -20.71 5.45 7.81
C VAL B 150 -22.11 5.88 7.36
N TYR B 151 -23.09 5.81 8.27
CA TYR B 151 -24.49 6.11 7.96
C TYR B 151 -25.06 7.15 8.91
N GLU B 152 -25.84 8.08 8.34
CA GLU B 152 -26.57 9.02 9.20
C GLU B 152 -27.76 8.34 9.90
N GLY C 1 -6.26 5.93 33.72
CA GLY C 1 -5.03 5.19 34.03
C GLY C 1 -4.08 5.00 32.83
N ALA C 2 -3.57 3.76 32.72
CA ALA C 2 -2.47 3.48 31.81
C ALA C 2 -2.84 3.78 30.38
N ASN C 3 -4.12 3.60 29.98
CA ASN C 3 -4.50 3.78 28.58
C ASN C 3 -4.55 5.27 28.20
N LEU C 4 -4.38 6.18 29.19
CA LEU C 4 -4.48 7.62 28.93
C LEU C 4 -3.11 8.25 28.71
N GLU C 5 -2.06 7.44 28.72
CA GLU C 5 -0.71 7.97 28.44
C GLU C 5 -0.69 8.68 27.09
N ARG C 6 0.13 9.75 27.02
CA ARG C 6 0.33 10.54 25.80
C ARG C 6 1.82 10.63 25.47
N THR C 7 2.12 10.76 24.16
CA THR C 7 3.48 11.07 23.73
C THR C 7 3.43 12.23 22.73
N PHE C 8 4.57 12.89 22.56
CA PHE C 8 4.79 13.91 21.54
C PHE C 8 5.57 13.30 20.38
N ILE C 9 4.99 13.39 19.17
CA ILE C 9 5.68 12.97 17.95
C ILE C 9 5.78 14.17 17.04
N ALA C 10 6.96 14.45 16.48
CA ALA C 10 7.11 15.52 15.52
C ALA C 10 7.75 14.95 14.25
N ILE C 11 7.12 15.24 13.10
CA ILE C 11 7.75 14.94 11.83
C ILE C 11 8.67 16.11 11.46
N LYS C 12 9.96 15.83 11.32
CA LYS C 12 11.00 16.79 11.14
C LYS C 12 10.95 17.35 9.71
N PRO C 13 11.69 18.46 9.41
CA PRO C 13 11.52 19.12 8.12
C PRO C 13 11.79 18.21 6.92
N ASP C 14 12.75 17.27 7.10
CA ASP C 14 13.06 16.32 6.06
C ASP C 14 11.89 15.35 5.81
N GLY C 15 11.15 14.97 6.86
CA GLY C 15 10.01 14.10 6.69
C GLY C 15 8.90 14.80 5.89
N VAL C 16 8.70 16.10 6.15
CA VAL C 16 7.73 16.88 5.38
C VAL C 16 8.21 16.99 3.93
N GLN C 17 9.49 17.36 3.74
CA GLN C 17 10.02 17.66 2.41
C GLN C 17 9.98 16.41 1.54
N ARG C 18 10.16 15.22 2.16
CA ARG C 18 10.22 13.96 1.44
C ARG C 18 8.83 13.31 1.30
N GLY C 19 7.77 14.03 1.71
CA GLY C 19 6.41 13.58 1.44
C GLY C 19 5.95 12.36 2.27
N LEU C 20 6.39 12.28 3.53
CA LEU C 20 6.11 11.16 4.41
C LEU C 20 5.03 11.46 5.46
N VAL C 21 4.33 12.59 5.41
CA VAL C 21 3.42 12.94 6.48
C VAL C 21 2.28 11.93 6.59
N GLY C 22 1.61 11.65 5.45
CA GLY C 22 0.49 10.72 5.46
C GLY C 22 0.92 9.32 5.89
N GLU C 23 2.03 8.84 5.33
CA GLU C 23 2.53 7.52 5.67
C GLU C 23 2.77 7.39 7.18
N ILE C 24 3.36 8.42 7.81
CA ILE C 24 3.65 8.34 9.23
C ILE C 24 2.36 8.34 10.04
N ILE C 25 1.43 9.25 9.73
CA ILE C 25 0.16 9.31 10.45
C ILE C 25 -0.57 7.98 10.35
N LYS C 26 -0.62 7.39 9.13
CA LYS C 26 -1.28 6.11 8.95
C LYS C 26 -0.72 5.02 9.88
N ARG C 27 0.59 4.99 10.12
CA ARG C 27 1.17 4.01 11.00
C ARG C 27 0.60 4.10 12.41
N PHE C 28 0.41 5.32 12.91
CA PHE C 28 -0.14 5.54 14.24
C PHE C 28 -1.63 5.21 14.27
N GLU C 29 -2.41 5.61 13.25
CA GLU C 29 -3.84 5.34 13.22
C GLU C 29 -4.05 3.82 13.20
N GLN C 30 -3.33 3.10 12.29
CA GLN C 30 -3.62 1.69 12.09
C GLN C 30 -3.25 0.86 13.33
N LYS C 31 -2.35 1.36 14.16
CA LYS C 31 -1.89 0.65 15.36
C LYS C 31 -3.01 0.67 16.41
N GLY C 32 -3.86 1.72 16.42
CA GLY C 32 -4.92 1.89 17.41
C GLY C 32 -4.72 3.06 18.35
N PHE C 33 -3.70 3.87 18.14
CA PHE C 33 -3.49 5.09 18.92
C PHE C 33 -4.44 6.19 18.48
N ARG C 34 -4.79 7.09 19.44
CA ARG C 34 -5.75 8.16 19.19
C ARG C 34 -4.99 9.47 18.98
N LEU C 35 -5.27 10.14 17.89
CA LEU C 35 -4.66 11.46 17.65
C LEU C 35 -5.37 12.48 18.54
N VAL C 36 -4.59 13.17 19.39
CA VAL C 36 -5.12 14.14 20.35
C VAL C 36 -4.91 15.56 19.86
N ALA C 37 -3.78 15.82 19.23
CA ALA C 37 -3.44 17.18 18.80
C ALA C 37 -2.56 17.16 17.59
N MET C 38 -2.65 18.19 16.76
CA MET C 38 -1.80 18.28 15.58
C MET C 38 -1.77 19.72 15.09
N LYS C 39 -0.59 20.19 14.75
CA LYS C 39 -0.42 21.44 14.06
C LYS C 39 0.84 21.39 13.22
N PHE C 40 0.97 22.38 12.33
CA PHE C 40 2.00 22.47 11.32
C PHE C 40 2.61 23.86 11.41
N LEU C 41 3.93 23.92 11.61
CA LEU C 41 4.57 25.22 11.85
C LEU C 41 6.05 25.14 11.53
N ARG C 42 6.62 26.34 11.32
CA ARG C 42 8.07 26.47 11.35
C ARG C 42 8.45 26.88 12.77
N ALA C 43 9.09 25.97 13.48
CA ALA C 43 9.52 26.22 14.85
C ALA C 43 10.66 27.22 14.85
N SER C 44 10.55 28.27 15.69
CA SER C 44 11.57 29.30 15.78
C SER C 44 12.86 28.71 16.36
N GLU C 45 13.97 29.39 16.08
CA GLU C 45 15.24 29.00 16.67
C GLU C 45 15.16 29.02 18.20
N GLU C 46 14.50 30.02 18.77
CA GLU C 46 14.41 30.14 20.23
C GLU C 46 13.63 28.93 20.77
N HIS C 47 12.53 28.57 20.10
CA HIS C 47 11.69 27.44 20.53
C HIS C 47 12.52 26.17 20.49
N LEU C 48 13.31 25.99 19.42
CA LEU C 48 14.08 24.77 19.24
C LEU C 48 15.20 24.68 20.26
N LYS C 49 15.82 25.83 20.59
CA LYS C 49 16.87 25.84 21.58
C LYS C 49 16.32 25.40 22.94
N GLN C 50 15.05 25.73 23.21
CA GLN C 50 14.42 25.26 24.45
C GLN C 50 14.14 23.76 24.39
N HIS C 51 13.57 23.30 23.27
CA HIS C 51 13.30 21.88 23.08
C HIS C 51 14.58 21.07 23.29
N TYR C 52 15.70 21.56 22.73
CA TYR C 52 16.96 20.82 22.72
C TYR C 52 17.95 21.35 23.75
N ILE C 53 17.49 22.01 24.80
CA ILE C 53 18.35 22.62 25.79
C ILE C 53 19.37 21.63 26.37
N ASP C 54 18.97 20.36 26.54
CA ASP C 54 19.91 19.38 27.08
C ASP C 54 21.06 19.06 26.12
N LEU C 55 20.96 19.45 24.84
CA LEU C 55 22.00 19.15 23.84
C LEU C 55 22.88 20.37 23.52
N LYS C 56 22.73 21.46 24.25
CA LYS C 56 23.27 22.75 23.81
C LYS C 56 24.79 22.74 23.70
N ASP C 57 25.47 21.81 24.38
CA ASP C 57 26.91 21.72 24.33
C ASP C 57 27.41 20.60 23.42
N ARG C 58 26.52 19.89 22.73
CA ARG C 58 26.94 18.83 21.83
C ARG C 58 27.48 19.47 20.54
N PRO C 59 28.49 18.89 19.88
CA PRO C 59 29.13 19.59 18.75
C PRO C 59 28.18 19.77 17.56
N PHE C 60 27.16 18.90 17.44
CA PHE C 60 26.20 18.97 16.33
C PHE C 60 25.08 19.97 16.57
N PHE C 61 25.02 20.62 17.74
CA PHE C 61 23.86 21.41 18.15
C PHE C 61 23.56 22.59 17.20
N PRO C 62 24.53 23.43 16.79
CA PRO C 62 24.19 24.57 15.92
C PRO C 62 23.55 24.13 14.61
N GLY C 63 24.11 23.07 14.02
CA GLY C 63 23.54 22.52 12.78
C GLY C 63 22.18 21.89 12.99
N LEU C 64 21.98 21.27 14.16
CA LEU C 64 20.72 20.63 14.45
C LEU C 64 19.62 21.70 14.50
N VAL C 65 19.91 22.81 15.22
CA VAL C 65 18.94 23.87 15.34
C VAL C 65 18.61 24.46 13.95
N LYS C 66 19.63 24.69 13.14
CA LYS C 66 19.40 25.25 11.81
C LYS C 66 18.54 24.31 10.97
N TYR C 67 18.85 23.02 10.99
CA TYR C 67 18.09 22.04 10.23
C TYR C 67 16.64 21.99 10.72
N MET C 68 16.44 21.97 12.05
CA MET C 68 15.09 21.87 12.58
C MET C 68 14.26 23.11 12.30
N ASN C 69 14.90 24.23 11.95
CA ASN C 69 14.25 25.46 11.55
C ASN C 69 14.14 25.64 10.03
N SER C 70 14.69 24.71 9.25
CA SER C 70 14.90 24.94 7.80
C SER C 70 13.64 24.65 6.98
N GLY C 71 12.61 24.12 7.63
CA GLY C 71 11.28 23.95 7.04
C GLY C 71 10.29 23.65 8.14
N PRO C 72 8.99 23.58 7.83
CA PRO C 72 7.99 23.24 8.80
C PRO C 72 8.08 21.79 9.30
N VAL C 73 7.56 21.62 10.51
CA VAL C 73 7.35 20.32 11.15
C VAL C 73 5.85 20.08 11.37
N VAL C 74 5.49 18.80 11.49
CA VAL C 74 4.17 18.41 11.94
C VAL C 74 4.31 17.98 13.39
N ALA C 75 3.66 18.69 14.31
CA ALA C 75 3.72 18.43 15.73
C ALA C 75 2.44 17.73 16.12
N MET C 76 2.54 16.63 16.89
CA MET C 76 1.38 15.81 17.21
C MET C 76 1.45 15.29 18.63
N VAL C 77 0.26 15.04 19.21
CA VAL C 77 0.13 14.28 20.43
C VAL C 77 -0.70 13.05 20.13
N TRP C 78 -0.25 11.88 20.61
CA TRP C 78 -0.93 10.60 20.45
C TRP C 78 -1.15 9.96 21.81
N GLU C 79 -2.29 9.28 21.98
CA GLU C 79 -2.71 8.65 23.24
C GLU C 79 -2.86 7.14 23.08
N GLY C 80 -2.41 6.43 24.10
CA GLY C 80 -2.74 5.03 24.24
C GLY C 80 -1.83 4.34 25.25
N LEU C 81 -2.16 3.07 25.52
CA LEU C 81 -1.39 2.28 26.46
C LEU C 81 0.07 2.19 25.97
N ASN C 82 0.98 2.59 26.88
CA ASN C 82 2.42 2.57 26.61
C ASN C 82 2.82 3.29 25.32
N VAL C 83 2.07 4.34 24.95
CA VAL C 83 2.33 4.99 23.68
C VAL C 83 3.73 5.60 23.63
N VAL C 84 4.30 6.03 24.77
CA VAL C 84 5.66 6.58 24.70
C VAL C 84 6.65 5.50 24.22
N LYS C 85 6.71 4.38 24.94
CA LYS C 85 7.69 3.32 24.66
C LYS C 85 7.40 2.64 23.32
N THR C 86 6.13 2.35 23.06
CA THR C 86 5.71 1.71 21.79
C THR C 86 5.92 2.66 20.62
N GLY C 87 5.62 3.96 20.79
CA GLY C 87 5.89 4.95 19.79
C GLY C 87 7.37 4.93 19.40
N ARG C 88 8.25 4.86 20.38
CA ARG C 88 9.67 4.81 20.09
C ARG C 88 10.04 3.55 19.31
N VAL C 89 9.44 2.41 19.64
CA VAL C 89 9.69 1.18 18.90
C VAL C 89 9.24 1.33 17.42
N MET C 90 8.10 1.97 17.21
CA MET C 90 7.53 2.17 15.89
C MET C 90 8.45 3.08 15.06
N LEU C 91 8.99 4.11 15.67
CA LEU C 91 9.94 5.00 14.99
C LEU C 91 11.23 4.29 14.63
N GLY C 92 11.73 3.41 15.51
CA GLY C 92 13.00 2.74 15.33
C GLY C 92 14.05 3.48 16.15
N GLU C 93 15.27 3.01 16.07
CA GLU C 93 16.38 3.64 16.77
C GLU C 93 16.58 5.07 16.23
N THR C 94 17.03 5.96 17.10
CA THR C 94 17.19 7.35 16.70
CA THR C 94 17.24 7.35 16.74
C THR C 94 18.24 7.48 15.60
N ASN C 95 19.28 6.66 15.63
CA ASN C 95 20.24 6.56 14.54
C ASN C 95 19.71 5.63 13.45
N PRO C 96 19.35 6.11 12.22
CA PRO C 96 18.74 5.24 11.23
C PRO C 96 19.61 4.04 10.83
N ALA C 97 20.92 4.13 11.03
CA ALA C 97 21.84 3.01 10.77
C ALA C 97 21.39 1.77 11.51
N ASP C 98 20.82 1.96 12.70
CA ASP C 98 20.43 0.87 13.57
C ASP C 98 18.92 0.57 13.57
N SER C 99 18.13 1.30 12.79
CA SER C 99 16.67 1.17 12.77
C SER C 99 16.30 -0.01 11.87
N LYS C 100 15.42 -0.87 12.34
CA LYS C 100 15.13 -2.13 11.66
C LYS C 100 14.09 -1.87 10.56
N PRO C 101 14.15 -2.68 9.48
CA PRO C 101 13.06 -2.63 8.49
C PRO C 101 11.73 -2.86 9.18
N GLY C 102 10.68 -2.14 8.74
CA GLY C 102 9.39 -2.17 9.40
C GLY C 102 9.15 -0.96 10.30
N THR C 103 10.23 -0.32 10.79
CA THR C 103 10.09 0.91 11.54
C THR C 103 10.07 2.10 10.60
N ILE C 104 9.62 3.24 11.12
CA ILE C 104 9.53 4.45 10.29
C ILE C 104 10.95 4.82 9.80
N ARG C 105 11.91 4.95 10.74
CA ARG C 105 13.24 5.35 10.31
C ARG C 105 13.90 4.26 9.45
N GLY C 106 13.68 2.99 9.80
CA GLY C 106 14.26 1.88 9.08
C GLY C 106 13.81 1.84 7.61
N ASP C 107 12.53 2.15 7.42
CA ASP C 107 11.95 2.12 6.06
C ASP C 107 12.34 3.35 5.23
N PHE C 108 12.50 4.53 5.89
CA PHE C 108 12.43 5.78 5.16
C PHE C 108 13.61 6.73 5.30
N CYS C 109 14.69 6.42 6.03
CA CYS C 109 15.81 7.35 6.06
C CYS C 109 17.12 6.66 6.41
N ILE C 110 18.21 7.43 6.31
CA ILE C 110 19.55 6.91 6.22
C ILE C 110 20.50 7.43 7.31
N GLN C 111 20.51 8.76 7.51
CA GLN C 111 21.57 9.37 8.29
C GLN C 111 21.03 10.09 9.52
N VAL C 112 21.85 10.09 10.59
CA VAL C 112 21.38 10.56 11.91
C VAL C 112 20.94 12.04 11.91
N GLY C 113 21.62 12.87 11.12
CA GLY C 113 21.27 14.30 11.03
C GLY C 113 20.03 14.60 10.17
N ARG C 114 19.50 13.56 9.51
CA ARG C 114 18.29 13.64 8.71
C ARG C 114 17.41 12.45 9.05
N ASN C 115 16.93 12.40 10.29
CA ASN C 115 16.25 11.19 10.80
C ASN C 115 14.73 11.34 10.95
N ILE C 116 14.13 12.20 10.16
CA ILE C 116 12.71 12.39 9.80
C ILE C 116 11.68 12.61 10.90
N ILE C 117 11.97 12.19 12.16
CA ILE C 117 10.91 12.13 13.16
C ILE C 117 11.52 12.17 14.55
N HIS C 118 10.74 12.70 15.50
CA HIS C 118 11.02 12.72 16.92
C HIS C 118 9.89 12.04 17.67
N GLY C 119 10.24 11.25 18.68
CA GLY C 119 9.28 10.84 19.69
C GLY C 119 9.82 11.02 21.10
N SER C 120 8.94 11.37 22.06
CA SER C 120 9.36 11.53 23.44
C SER C 120 10.07 10.27 23.95
N ASP C 121 11.08 10.42 24.80
CA ASP C 121 11.81 9.27 25.31
C ASP C 121 11.24 8.72 26.62
N SER C 122 10.35 9.44 27.29
CA SER C 122 9.83 9.07 28.61
C SER C 122 8.51 9.81 28.81
N VAL C 123 7.72 9.38 29.79
CA VAL C 123 6.49 10.08 30.12
C VAL C 123 6.78 11.48 30.61
N LYS C 124 7.82 11.61 31.44
CA LYS C 124 8.18 12.92 31.96
C LYS C 124 8.57 13.86 30.82
N SER C 125 9.38 13.37 29.88
CA SER C 125 9.78 14.19 28.74
C SER C 125 8.55 14.51 27.89
N ALA C 126 7.66 13.54 27.66
CA ALA C 126 6.45 13.76 26.88
C ALA C 126 5.63 14.91 27.44
N GLU C 127 5.41 14.93 28.75
CA GLU C 127 4.55 15.96 29.34
C GLU C 127 5.22 17.33 29.19
N LYS C 128 6.55 17.37 29.30
CA LYS C 128 7.30 18.60 29.11
C LYS C 128 7.18 19.10 27.67
N GLU C 129 7.35 18.17 26.71
CA GLU C 129 7.29 18.49 25.29
C GLU C 129 5.90 18.95 24.92
N ILE C 130 4.86 18.28 25.45
CA ILE C 130 3.48 18.64 25.13
C ILE C 130 3.21 20.07 25.62
N SER C 131 3.65 20.43 26.82
CA SER C 131 3.48 21.77 27.38
C SER C 131 4.21 22.82 26.55
N LEU C 132 5.39 22.46 26.05
CA LEU C 132 6.19 23.40 25.26
C LEU C 132 5.53 23.67 23.90
N TRP C 133 5.07 22.64 23.23
CA TRP C 133 4.65 22.73 21.83
C TRP C 133 3.18 23.05 21.66
N PHE C 134 2.34 22.76 22.64
CA PHE C 134 0.90 22.92 22.51
C PHE C 134 0.31 23.78 23.62
N LYS C 135 -0.73 24.55 23.26
CA LYS C 135 -1.61 25.15 24.25
C LYS C 135 -2.54 24.08 24.80
N PRO C 136 -2.94 24.11 26.08
CA PRO C 136 -3.78 23.04 26.63
C PRO C 136 -5.06 22.80 25.83
N GLU C 137 -5.65 23.90 25.31
CA GLU C 137 -6.92 23.79 24.61
C GLU C 137 -6.75 23.19 23.21
N GLU C 138 -5.53 23.00 22.72
CA GLU C 138 -5.29 22.35 21.44
C GLU C 138 -5.33 20.81 21.54
N LEU C 139 -5.43 20.25 22.75
CA LEU C 139 -5.52 18.80 22.93
C LEU C 139 -7.01 18.44 23.03
N VAL C 140 -7.48 17.68 22.06
CA VAL C 140 -8.90 17.42 21.87
C VAL C 140 -9.29 16.11 22.58
N ASP C 141 -10.35 16.17 23.37
CA ASP C 141 -10.93 15.00 24.06
C ASP C 141 -12.09 14.42 23.23
N TYR C 142 -11.90 13.18 22.72
CA TYR C 142 -12.97 12.48 22.04
C TYR C 142 -12.70 10.99 22.24
N LYS C 143 -13.71 10.14 21.95
CA LYS C 143 -13.54 8.70 22.07
C LYS C 143 -13.57 8.04 20.71
N SER C 144 -12.54 7.22 20.43
CA SER C 144 -12.50 6.45 19.20
C SER C 144 -13.66 5.46 19.14
N CYS C 145 -14.31 5.36 17.95
CA CYS C 145 -15.39 4.41 17.76
C CYS C 145 -14.93 2.96 17.94
N ALA C 146 -13.63 2.67 17.77
CA ALA C 146 -13.17 1.30 17.94
C ALA C 146 -12.50 1.07 19.29
N HIS C 147 -12.65 2.01 20.24
CA HIS C 147 -11.95 1.92 21.51
C HIS C 147 -12.16 0.56 22.19
N ASP C 148 -13.40 0.03 22.21
CA ASP C 148 -13.69 -1.21 22.95
C ASP C 148 -13.20 -2.45 22.21
N TRP C 149 -12.77 -2.28 20.95
CA TRP C 149 -12.14 -3.35 20.20
C TRP C 149 -10.62 -3.28 20.28
N VAL C 150 -10.07 -2.16 20.77
CA VAL C 150 -8.64 -2.01 20.99
C VAL C 150 -8.25 -2.32 22.42
N TYR C 151 -9.16 -2.04 23.36
CA TYR C 151 -8.90 -2.23 24.79
C TYR C 151 -9.99 -3.10 25.43
N GLU C 152 -9.60 -4.00 26.33
CA GLU C 152 -10.56 -4.75 27.14
C GLU C 152 -11.09 -3.84 28.27
N GLY D 1 33.62 10.00 -0.89
CA GLY D 1 33.07 10.08 0.46
C GLY D 1 32.29 8.83 0.82
N ALA D 2 31.95 8.72 2.10
CA ALA D 2 31.20 7.55 2.57
C ALA D 2 29.83 7.48 1.88
N ASN D 3 29.23 8.64 1.52
CA ASN D 3 27.90 8.65 0.90
C ASN D 3 27.93 8.18 -0.55
N LEU D 4 29.12 7.92 -1.11
CA LEU D 4 29.26 7.51 -2.50
C LEU D 4 29.39 6.00 -2.64
N GLU D 5 29.27 5.27 -1.53
CA GLU D 5 29.34 3.82 -1.61
C GLU D 5 28.25 3.29 -2.55
N ARG D 6 28.55 2.17 -3.27
CA ARG D 6 27.58 1.50 -4.14
C ARG D 6 27.44 0.01 -3.80
N THR D 7 26.26 -0.56 -4.05
CA THR D 7 26.09 -2.01 -3.97
C THR D 7 25.38 -2.55 -5.21
N PHE D 8 25.54 -3.87 -5.44
CA PHE D 8 24.85 -4.57 -6.50
C PHE D 8 23.67 -5.34 -5.91
N ILE D 9 22.48 -5.09 -6.46
CA ILE D 9 21.25 -5.80 -6.08
C ILE D 9 20.71 -6.46 -7.32
N ALA D 10 20.38 -7.76 -7.28
CA ALA D 10 19.72 -8.42 -8.38
C ALA D 10 18.45 -9.09 -7.89
N ILE D 11 17.37 -8.85 -8.61
CA ILE D 11 16.12 -9.57 -8.36
C ILE D 11 16.19 -10.85 -9.17
N LYS D 12 16.13 -11.98 -8.49
CA LYS D 12 16.34 -13.31 -9.05
C LYS D 12 15.10 -13.73 -9.83
N PRO D 13 15.18 -14.83 -10.64
CA PRO D 13 14.08 -15.09 -11.57
C PRO D 13 12.74 -15.31 -10.89
N ASP D 14 12.77 -15.90 -9.70
CA ASP D 14 11.55 -16.10 -8.90
C ASP D 14 10.92 -14.76 -8.49
N GLY D 15 11.75 -13.75 -8.18
CA GLY D 15 11.25 -12.42 -7.85
C GLY D 15 10.54 -11.78 -9.03
N VAL D 16 11.10 -11.92 -10.23
CA VAL D 16 10.45 -11.43 -11.43
C VAL D 16 9.15 -12.20 -11.67
N GLN D 17 9.20 -13.54 -11.61
CA GLN D 17 8.08 -14.37 -11.98
C GLN D 17 6.90 -14.13 -11.02
N ARG D 18 7.20 -13.79 -9.75
CA ARG D 18 6.16 -13.59 -8.74
C ARG D 18 5.74 -12.11 -8.64
N GLY D 19 6.20 -11.27 -9.58
CA GLY D 19 5.69 -9.92 -9.69
C GLY D 19 6.11 -8.96 -8.58
N LEU D 20 7.36 -9.08 -8.11
CA LEU D 20 7.88 -8.31 -7.00
C LEU D 20 8.86 -7.20 -7.44
N VAL D 21 9.02 -6.93 -8.72
CA VAL D 21 10.00 -5.97 -9.19
C VAL D 21 9.69 -4.57 -8.63
N GLY D 22 8.46 -4.12 -8.83
CA GLY D 22 8.09 -2.78 -8.39
C GLY D 22 8.20 -2.63 -6.89
N GLU D 23 7.65 -3.63 -6.17
CA GLU D 23 7.72 -3.59 -4.72
C GLU D 23 9.16 -3.48 -4.21
N ILE D 24 10.10 -4.21 -4.80
CA ILE D 24 11.47 -4.21 -4.31
C ILE D 24 12.11 -2.84 -4.61
N ILE D 25 11.95 -2.33 -5.84
CA ILE D 25 12.55 -1.06 -6.19
C ILE D 25 12.01 0.03 -5.28
N LYS D 26 10.70 0.01 -5.01
CA LYS D 26 10.11 1.02 -4.12
C LYS D 26 10.78 1.03 -2.76
N ARG D 27 11.13 -0.14 -2.20
CA ARG D 27 11.81 -0.20 -0.91
C ARG D 27 13.10 0.60 -0.90
N PHE D 28 13.89 0.48 -1.99
CA PHE D 28 15.16 1.19 -2.10
C PHE D 28 14.93 2.68 -2.34
N GLU D 29 13.97 3.04 -3.20
CA GLU D 29 13.70 4.44 -3.46
C GLU D 29 13.24 5.13 -2.17
N GLN D 30 12.30 4.52 -1.43
CA GLN D 30 11.69 5.21 -0.30
C GLN D 30 12.68 5.38 0.85
N LYS D 31 13.71 4.56 0.92
CA LYS D 31 14.73 4.63 1.95
C LYS D 31 15.60 5.86 1.74
N GLY D 32 15.79 6.30 0.47
CA GLY D 32 16.61 7.44 0.10
C GLY D 32 17.87 7.08 -0.68
N PHE D 33 18.00 5.80 -1.09
CA PHE D 33 19.11 5.40 -1.93
C PHE D 33 18.90 5.87 -3.39
N ARG D 34 20.00 6.09 -4.11
CA ARG D 34 19.96 6.58 -5.48
C ARG D 34 20.18 5.42 -6.45
N LEU D 35 19.24 5.23 -7.39
CA LEU D 35 19.42 4.21 -8.42
C LEU D 35 20.47 4.72 -9.41
N VAL D 36 21.55 3.92 -9.60
CA VAL D 36 22.67 4.29 -10.45
C VAL D 36 22.57 3.56 -11.80
N ALA D 37 22.17 2.29 -11.77
CA ALA D 37 22.14 1.48 -12.98
C ALA D 37 21.05 0.44 -12.89
N MET D 38 20.49 0.06 -14.05
CA MET D 38 19.51 -1.01 -14.02
C MET D 38 19.38 -1.61 -15.42
N LYS D 39 19.33 -2.93 -15.49
CA LYS D 39 18.99 -3.61 -16.73
C LYS D 39 18.37 -4.95 -16.40
N PHE D 40 17.69 -5.48 -17.42
CA PHE D 40 16.91 -6.70 -17.35
C PHE D 40 17.43 -7.68 -18.39
N LEU D 41 17.77 -8.91 -17.96
CA LEU D 41 18.40 -9.84 -18.87
C LEU D 41 18.22 -11.26 -18.34
N ARG D 42 18.39 -12.21 -19.24
CA ARG D 42 18.60 -13.60 -18.88
C ARG D 42 20.12 -13.79 -18.86
N ALA D 43 20.67 -13.95 -17.66
CA ALA D 43 22.11 -14.12 -17.50
C ALA D 43 22.51 -15.51 -18.05
N SER D 44 23.57 -15.55 -18.85
CA SER D 44 24.08 -16.81 -19.36
C SER D 44 24.66 -17.69 -18.24
N GLU D 45 24.75 -18.97 -18.50
CA GLU D 45 25.40 -19.89 -17.57
C GLU D 45 26.84 -19.47 -17.28
N GLU D 46 27.57 -19.06 -18.31
CA GLU D 46 28.97 -18.67 -18.13
C GLU D 46 29.03 -17.44 -17.21
N HIS D 47 28.15 -16.48 -17.43
CA HIS D 47 28.10 -15.26 -16.62
C HIS D 47 27.85 -15.62 -15.15
N LEU D 48 26.90 -16.53 -14.94
CA LEU D 48 26.49 -16.90 -13.59
C LEU D 48 27.60 -17.66 -12.89
N LYS D 49 28.31 -18.53 -13.63
CA LYS D 49 29.44 -19.25 -13.07
C LYS D 49 30.52 -18.30 -12.58
N GLN D 50 30.71 -17.17 -13.28
CA GLN D 50 31.66 -16.17 -12.84
C GLN D 50 31.14 -15.46 -11.59
N HIS D 51 29.88 -15.04 -11.60
CA HIS D 51 29.27 -14.41 -10.44
C HIS D 51 29.41 -15.29 -9.20
N TYR D 52 29.19 -16.60 -9.35
CA TYR D 52 29.20 -17.53 -8.22
C TYR D 52 30.48 -18.36 -8.15
N ILE D 53 31.58 -17.81 -8.67
CA ILE D 53 32.82 -18.58 -8.79
C ILE D 53 33.27 -19.17 -7.46
N ASP D 54 33.02 -18.47 -6.35
CA ASP D 54 33.42 -18.99 -5.03
C ASP D 54 32.67 -20.27 -4.65
N LEU D 55 31.51 -20.55 -5.28
CA LEU D 55 30.65 -21.66 -4.91
C LEU D 55 30.75 -22.84 -5.86
N LYS D 56 31.70 -22.79 -6.80
CA LYS D 56 31.69 -23.71 -7.94
C LYS D 56 31.79 -25.18 -7.52
N ASP D 57 32.31 -25.47 -6.32
CA ASP D 57 32.45 -26.85 -5.87
C ASP D 57 31.35 -27.25 -4.88
N ARG D 58 30.42 -26.36 -4.57
CA ARG D 58 29.37 -26.66 -3.59
C ARG D 58 28.34 -27.58 -4.23
N PRO D 59 27.71 -28.52 -3.48
CA PRO D 59 26.84 -29.51 -4.13
C PRO D 59 25.60 -28.88 -4.81
N PHE D 60 25.16 -27.72 -4.35
CA PHE D 60 23.98 -27.04 -4.87
C PHE D 60 24.32 -26.20 -6.11
N PHE D 61 25.59 -26.14 -6.56
CA PHE D 61 26.02 -25.18 -7.58
C PHE D 61 25.32 -25.42 -8.93
N PRO D 62 25.27 -26.65 -9.47
CA PRO D 62 24.61 -26.89 -10.77
C PRO D 62 23.16 -26.42 -10.78
N GLY D 63 22.44 -26.74 -9.70
CA GLY D 63 21.05 -26.33 -9.53
C GLY D 63 20.90 -24.80 -9.38
N LEU D 64 21.86 -24.20 -8.72
CA LEU D 64 21.84 -22.77 -8.47
C LEU D 64 21.95 -22.05 -9.82
N VAL D 65 22.92 -22.47 -10.62
CA VAL D 65 23.15 -21.85 -11.92
C VAL D 65 21.93 -22.09 -12.82
N LYS D 66 21.39 -23.30 -12.83
CA LYS D 66 20.22 -23.57 -13.67
C LYS D 66 19.03 -22.68 -13.26
N TYR D 67 18.77 -22.55 -11.96
CA TYR D 67 17.67 -21.71 -11.51
C TYR D 67 17.96 -20.25 -11.87
N MET D 68 19.19 -19.77 -11.67
CA MET D 68 19.49 -18.37 -11.95
C MET D 68 19.42 -18.06 -13.44
N ASN D 69 19.50 -19.08 -14.31
CA ASN D 69 19.34 -18.93 -15.74
C ASN D 69 17.93 -19.22 -16.24
N SER D 70 17.01 -19.61 -15.36
CA SER D 70 15.71 -20.14 -15.75
C SER D 70 14.66 -19.06 -16.04
N GLY D 71 15.04 -17.81 -15.87
CA GLY D 71 14.26 -16.66 -16.28
C GLY D 71 15.10 -15.42 -16.15
N PRO D 72 14.58 -14.26 -16.56
CA PRO D 72 15.34 -13.03 -16.44
C PRO D 72 15.49 -12.54 -15.00
N VAL D 73 16.52 -11.75 -14.80
CA VAL D 73 16.80 -11.03 -13.56
C VAL D 73 16.78 -9.52 -13.83
N VAL D 74 16.55 -8.76 -12.75
CA VAL D 74 16.73 -7.33 -12.78
C VAL D 74 18.03 -7.04 -12.03
N ALA D 75 19.03 -6.51 -12.74
CA ALA D 75 20.31 -6.17 -12.15
C ALA D 75 20.34 -4.67 -11.90
N MET D 76 20.81 -4.26 -10.72
CA MET D 76 20.79 -2.86 -10.33
C MET D 76 22.06 -2.49 -9.56
N VAL D 77 22.38 -1.20 -9.58
CA VAL D 77 23.36 -0.62 -8.69
C VAL D 77 22.65 0.51 -7.94
N TRP D 78 22.85 0.54 -6.60
CA TRP D 78 22.31 1.59 -5.74
C TRP D 78 23.43 2.25 -4.95
N GLU D 79 23.29 3.57 -4.74
CA GLU D 79 24.27 4.39 -4.04
C GLU D 79 23.71 4.96 -2.75
N GLY D 80 24.58 4.96 -1.73
CA GLY D 80 24.30 5.74 -0.52
C GLY D 80 25.18 5.30 0.64
N LEU D 81 25.09 6.07 1.73
CA LEU D 81 25.86 5.77 2.92
C LEU D 81 25.56 4.37 3.42
N ASN D 82 26.64 3.56 3.55
CA ASN D 82 26.53 2.18 4.01
C ASN D 82 25.51 1.35 3.26
N VAL D 83 25.35 1.62 1.96
CA VAL D 83 24.32 0.94 1.19
C VAL D 83 24.60 -0.56 1.12
N VAL D 84 25.86 -1.01 1.15
CA VAL D 84 26.09 -2.46 1.13
C VAL D 84 25.48 -3.13 2.37
N LYS D 85 25.89 -2.69 3.56
CA LYS D 85 25.47 -3.33 4.81
C LYS D 85 23.96 -3.10 5.06
N THR D 86 23.48 -1.87 4.83
CA THR D 86 22.06 -1.54 5.02
C THR D 86 21.19 -2.26 3.99
N GLY D 87 21.66 -2.36 2.75
CA GLY D 87 20.99 -3.13 1.73
C GLY D 87 20.77 -4.57 2.18
N ARG D 88 21.80 -5.16 2.78
CA ARG D 88 21.67 -6.53 3.26
C ARG D 88 20.60 -6.61 4.36
N VAL D 89 20.59 -5.63 5.28
CA VAL D 89 19.57 -5.62 6.33
C VAL D 89 18.14 -5.54 5.73
N MET D 90 17.99 -4.74 4.70
CA MET D 90 16.72 -4.55 4.01
C MET D 90 16.24 -5.85 3.35
N LEU D 91 17.19 -6.58 2.75
CA LEU D 91 16.87 -7.87 2.15
C LEU D 91 16.46 -8.90 3.18
N GLY D 92 17.13 -8.91 4.33
CA GLY D 92 16.95 -9.89 5.37
C GLY D 92 18.05 -10.93 5.24
N GLU D 93 18.00 -11.93 6.10
CA GLU D 93 18.95 -13.03 6.05
C GLU D 93 18.79 -13.80 4.74
N THR D 94 19.91 -14.35 4.28
CA THR D 94 19.94 -15.09 3.03
C THR D 94 18.94 -16.26 3.06
N ASN D 95 18.83 -16.92 4.20
CA ASN D 95 17.81 -17.94 4.40
C ASN D 95 16.48 -17.32 4.82
N PRO D 96 15.41 -17.34 3.99
CA PRO D 96 14.16 -16.66 4.33
C PRO D 96 13.55 -17.14 5.67
N ALA D 97 13.87 -18.36 6.11
CA ALA D 97 13.39 -18.89 7.37
C ALA D 97 13.78 -17.97 8.53
N ASP D 98 14.93 -17.30 8.39
CA ASP D 98 15.49 -16.47 9.43
C ASP D 98 15.32 -14.96 9.17
N SER D 99 14.62 -14.60 8.10
CA SER D 99 14.47 -13.20 7.69
C SER D 99 13.26 -12.65 8.45
N LYS D 100 13.39 -11.45 9.00
CA LYS D 100 12.34 -10.92 9.88
C LYS D 100 11.24 -10.29 9.01
N PRO D 101 9.99 -10.30 9.51
CA PRO D 101 8.95 -9.50 8.85
C PRO D 101 9.39 -8.04 8.73
N GLY D 102 9.06 -7.41 7.60
CA GLY D 102 9.55 -6.09 7.28
C GLY D 102 10.70 -6.07 6.30
N THR D 103 11.42 -7.21 6.20
CA THR D 103 12.47 -7.34 5.18
C THR D 103 11.87 -7.90 3.90
N ILE D 104 12.62 -7.75 2.81
CA ILE D 104 12.15 -8.26 1.52
C ILE D 104 11.96 -9.77 1.57
N ARG D 105 12.98 -10.52 2.01
CA ARG D 105 12.80 -11.96 2.07
C ARG D 105 11.77 -12.37 3.12
N GLY D 106 11.74 -11.67 4.28
CA GLY D 106 10.82 -11.99 5.36
C GLY D 106 9.37 -11.85 4.87
N ASP D 107 9.11 -10.78 4.12
CA ASP D 107 7.76 -10.52 3.66
C ASP D 107 7.30 -11.42 2.50
N PHE D 108 8.24 -11.84 1.63
CA PHE D 108 7.86 -12.31 0.31
C PHE D 108 8.32 -13.70 -0.12
N CYS D 109 9.12 -14.41 0.66
CA CYS D 109 9.51 -15.75 0.23
C CYS D 109 9.81 -16.70 1.38
N ILE D 110 10.09 -17.96 1.05
CA ILE D 110 10.02 -19.05 2.01
C ILE D 110 11.32 -19.85 2.11
N GLN D 111 11.88 -20.27 0.96
CA GLN D 111 12.94 -21.27 0.94
C GLN D 111 14.24 -20.70 0.38
N VAL D 112 15.39 -21.19 0.91
CA VAL D 112 16.68 -20.58 0.57
C VAL D 112 17.03 -20.68 -0.91
N GLY D 113 16.63 -21.76 -1.58
CA GLY D 113 16.91 -21.89 -3.01
C GLY D 113 15.95 -21.12 -3.92
N ARG D 114 14.97 -20.41 -3.32
CA ARG D 114 14.07 -19.53 -4.03
C ARG D 114 13.94 -18.26 -3.17
N ASN D 115 15.03 -17.54 -3.03
CA ASN D 115 15.10 -16.43 -2.08
C ASN D 115 15.11 -15.03 -2.73
N ILE D 116 14.52 -14.93 -3.93
CA ILE D 116 14.07 -13.76 -4.70
C ILE D 116 15.08 -12.65 -5.01
N ILE D 117 16.18 -12.53 -4.27
CA ILE D 117 17.01 -11.35 -4.40
C ILE D 117 18.44 -11.65 -3.92
N HIS D 118 19.40 -10.93 -4.51
CA HIS D 118 20.80 -10.91 -4.13
C HIS D 118 21.24 -9.49 -3.79
N GLY D 119 22.07 -9.36 -2.74
CA GLY D 119 22.78 -8.12 -2.48
C GLY D 119 24.27 -8.39 -2.19
N SER D 120 25.18 -7.51 -2.64
CA SER D 120 26.59 -7.69 -2.36
C SER D 120 26.84 -7.85 -0.86
N ASP D 121 27.80 -8.72 -0.49
CA ASP D 121 28.09 -8.95 0.92
C ASP D 121 29.14 -7.98 1.50
N SER D 122 29.86 -7.23 0.66
CA SER D 122 30.93 -6.35 1.10
C SER D 122 31.18 -5.32 0.01
N VAL D 123 31.90 -4.23 0.33
CA VAL D 123 32.25 -3.22 -0.66
C VAL D 123 33.13 -3.87 -1.74
N LYS D 124 34.08 -4.70 -1.35
CA LYS D 124 34.96 -5.33 -2.32
C LYS D 124 34.15 -6.22 -3.27
N SER D 125 33.21 -7.00 -2.73
CA SER D 125 32.38 -7.86 -3.57
C SER D 125 31.50 -7.00 -4.47
N ALA D 126 30.93 -5.89 -3.93
CA ALA D 126 30.11 -4.99 -4.70
C ALA D 126 30.85 -4.47 -5.93
N GLU D 127 32.08 -4.03 -5.75
CA GLU D 127 32.80 -3.42 -6.88
C GLU D 127 33.11 -4.49 -7.92
N LYS D 128 33.40 -5.73 -7.48
CA LYS D 128 33.59 -6.84 -8.40
C LYS D 128 32.31 -7.16 -9.17
N GLU D 129 31.19 -7.22 -8.47
CA GLU D 129 29.89 -7.53 -9.06
C GLU D 129 29.46 -6.43 -10.02
N ILE D 130 29.68 -5.16 -9.66
CA ILE D 130 29.32 -4.04 -10.52
C ILE D 130 30.09 -4.13 -11.85
N SER D 131 31.39 -4.42 -11.76
CA SER D 131 32.24 -4.53 -12.95
C SER D 131 31.79 -5.71 -13.83
N LEU D 132 31.36 -6.81 -13.20
CA LEU D 132 30.97 -8.00 -13.93
C LEU D 132 29.67 -7.78 -14.69
N TRP D 133 28.67 -7.16 -14.00
CA TRP D 133 27.33 -7.08 -14.55
C TRP D 133 27.10 -5.85 -15.41
N PHE D 134 27.89 -4.78 -15.25
CA PHE D 134 27.63 -3.53 -15.95
C PHE D 134 28.84 -3.04 -16.70
N LYS D 135 28.57 -2.42 -17.85
CA LYS D 135 29.55 -1.60 -18.54
C LYS D 135 29.70 -0.27 -17.78
N PRO D 136 30.90 0.36 -17.75
CA PRO D 136 31.08 1.60 -17.02
C PRO D 136 30.06 2.68 -17.38
N GLU D 137 29.72 2.76 -18.68
CA GLU D 137 28.86 3.83 -19.16
C GLU D 137 27.41 3.58 -18.79
N GLU D 138 27.05 2.39 -18.28
CA GLU D 138 25.69 2.12 -17.81
C GLU D 138 25.44 2.65 -16.40
N LEU D 139 26.47 3.14 -15.69
CA LEU D 139 26.30 3.73 -14.37
C LEU D 139 26.11 5.24 -14.56
N VAL D 140 24.91 5.72 -14.20
CA VAL D 140 24.49 7.08 -14.51
C VAL D 140 24.80 7.98 -13.31
N ASP D 141 25.44 9.13 -13.61
CA ASP D 141 25.73 10.19 -12.66
C ASP D 141 24.64 11.25 -12.73
N TYR D 142 23.90 11.41 -11.63
CA TYR D 142 22.92 12.49 -11.47
C TYR D 142 22.78 12.75 -9.98
N LYS D 143 22.14 13.87 -9.59
CA LYS D 143 21.95 14.18 -8.19
C LYS D 143 20.47 14.16 -7.86
N SER D 144 20.09 13.41 -6.83
CA SER D 144 18.74 13.37 -6.33
C SER D 144 18.29 14.73 -5.84
N CYS D 145 17.03 15.10 -6.21
CA CYS D 145 16.45 16.37 -5.80
C CYS D 145 16.30 16.46 -4.29
N ALA D 146 16.22 15.32 -3.58
CA ALA D 146 16.03 15.36 -2.13
C ALA D 146 17.33 15.08 -1.38
N HIS D 147 18.46 15.08 -2.10
CA HIS D 147 19.73 14.69 -1.46
C HIS D 147 20.01 15.45 -0.17
N ASP D 148 19.74 16.79 -0.14
CA ASP D 148 20.09 17.60 1.02
C ASP D 148 19.15 17.37 2.19
N TRP D 149 18.04 16.66 1.95
CA TRP D 149 17.09 16.27 2.98
C TRP D 149 17.34 14.85 3.49
N VAL D 150 18.17 14.09 2.77
CA VAL D 150 18.57 12.74 3.19
C VAL D 150 19.93 12.79 3.89
N TYR D 151 20.80 13.74 3.50
CA TYR D 151 22.15 13.86 4.03
C TYR D 151 22.44 15.25 4.61
N GLU D 152 23.13 15.29 5.75
CA GLU D 152 23.62 16.53 6.30
C GLU D 152 24.79 17.09 5.46
N GLY E 1 1.00 33.78 -9.24
CA GLY E 1 0.72 33.06 -10.50
C GLY E 1 -0.24 31.90 -10.26
N ALA E 2 -0.64 31.24 -11.35
CA ALA E 2 -1.55 30.12 -11.29
C ALA E 2 -1.01 29.01 -10.39
N ASN E 3 0.32 28.80 -10.28
CA ASN E 3 0.84 27.72 -9.45
C ASN E 3 0.71 28.01 -7.94
N LEU E 4 0.29 29.23 -7.58
CA LEU E 4 0.20 29.64 -6.19
C LEU E 4 -1.22 29.57 -5.63
N GLU E 5 -2.15 29.06 -6.46
CA GLU E 5 -3.52 28.84 -5.99
C GLU E 5 -3.51 27.97 -4.72
N ARG E 6 -4.47 28.21 -3.83
CA ARG E 6 -4.68 27.45 -2.60
C ARG E 6 -6.14 26.99 -2.50
N THR E 7 -6.33 25.82 -1.83
CA THR E 7 -7.66 25.36 -1.47
C THR E 7 -7.70 24.96 -0.02
N PHE E 8 -8.91 24.96 0.55
CA PHE E 8 -9.19 24.46 1.90
C PHE E 8 -9.74 23.04 1.81
N ILE E 9 -9.08 22.12 2.51
CA ILE E 9 -9.51 20.74 2.62
C ILE E 9 -9.75 20.43 4.08
N ALA E 10 -10.93 19.91 4.46
CA ALA E 10 -11.16 19.52 5.84
C ALA E 10 -11.56 18.03 5.86
N ILE E 11 -10.87 17.26 6.71
CA ILE E 11 -11.34 15.89 6.95
C ILE E 11 -12.37 15.92 8.05
N LYS E 12 -13.58 15.46 7.74
CA LYS E 12 -14.76 15.55 8.61
C LYS E 12 -14.67 14.53 9.74
N PRO E 13 -15.53 14.62 10.78
CA PRO E 13 -15.32 13.79 11.97
C PRO E 13 -15.36 12.28 11.65
N ASP E 14 -16.19 11.89 10.64
CA ASP E 14 -16.23 10.49 10.21
C ASP E 14 -14.90 10.05 9.60
N GLY E 15 -14.23 10.92 8.84
CA GLY E 15 -12.94 10.57 8.29
C GLY E 15 -11.89 10.35 9.39
N VAL E 16 -11.89 11.18 10.41
CA VAL E 16 -10.98 11.00 11.54
C VAL E 16 -11.33 9.68 12.27
N GLN E 17 -12.60 9.46 12.56
CA GLN E 17 -13.06 8.34 13.35
C GLN E 17 -12.75 7.03 12.67
N ARG E 18 -12.78 7.03 11.32
CA ARG E 18 -12.57 5.82 10.53
C ARG E 18 -11.10 5.65 10.14
N GLY E 19 -10.22 6.50 10.68
CA GLY E 19 -8.79 6.28 10.52
C GLY E 19 -8.23 6.55 9.13
N LEU E 20 -8.75 7.59 8.47
CA LEU E 20 -8.40 7.93 7.09
C LEU E 20 -7.50 9.16 7.00
N VAL E 21 -6.97 9.71 8.10
CA VAL E 21 -6.24 10.97 8.00
C VAL E 21 -4.97 10.78 7.15
N GLY E 22 -4.18 9.75 7.50
CA GLY E 22 -2.92 9.51 6.80
C GLY E 22 -3.16 9.24 5.30
N GLU E 23 -4.14 8.36 5.04
CA GLU E 23 -4.45 8.03 3.66
C GLU E 23 -4.81 9.27 2.83
N ILE E 24 -5.59 10.19 3.40
CA ILE E 24 -6.03 11.36 2.65
C ILE E 24 -4.83 12.27 2.39
N ILE E 25 -4.01 12.51 3.44
CA ILE E 25 -2.88 13.41 3.27
C ILE E 25 -1.92 12.85 2.22
N LYS E 26 -1.69 11.54 2.25
CA LYS E 26 -0.80 10.90 1.28
C LYS E 26 -1.24 11.19 -0.15
N ARG E 27 -2.56 11.18 -0.41
CA ARG E 27 -3.07 11.42 -1.74
C ARG E 27 -2.64 12.79 -2.26
N PHE E 28 -2.70 13.80 -1.40
CA PHE E 28 -2.30 15.14 -1.75
C PHE E 28 -0.79 15.27 -1.90
N GLU E 29 -0.02 14.69 -0.98
CA GLU E 29 1.43 14.71 -1.10
C GLU E 29 1.90 14.07 -2.39
N GLN E 30 1.38 12.88 -2.70
CA GLN E 30 1.91 12.12 -3.82
C GLN E 30 1.59 12.77 -5.16
N LYS E 31 0.52 13.60 -5.20
CA LYS E 31 0.11 14.27 -6.40
C LYS E 31 1.11 15.38 -6.75
N GLY E 32 1.77 15.97 -5.74
CA GLY E 32 2.70 17.08 -5.93
C GLY E 32 2.24 18.40 -5.32
N PHE E 33 1.10 18.42 -4.62
CA PHE E 33 0.64 19.64 -3.95
C PHE E 33 1.45 19.87 -2.67
N ARG E 34 1.56 21.16 -2.28
CA ARG E 34 2.33 21.58 -1.11
C ARG E 34 1.41 21.85 0.08
N LEU E 35 1.66 21.18 1.20
CA LEU E 35 0.88 21.46 2.42
C LEU E 35 1.33 22.83 2.96
N VAL E 36 0.38 23.75 3.12
CA VAL E 36 0.62 25.10 3.58
C VAL E 36 0.26 25.25 5.05
N ALA E 37 -0.82 24.60 5.48
CA ALA E 37 -1.31 24.75 6.83
C ALA E 37 -2.05 23.52 7.27
N MET E 38 -2.04 23.27 8.57
CA MET E 38 -2.79 22.13 9.10
C MET E 38 -2.99 22.30 10.60
N LYS E 39 -4.22 22.04 11.05
CA LYS E 39 -4.54 21.95 12.46
C LYS E 39 -5.68 20.96 12.66
N PHE E 40 -5.83 20.55 13.91
CA PHE E 40 -6.77 19.57 14.38
C PHE E 40 -7.59 20.17 15.52
N LEU E 41 -8.92 20.17 15.39
CA LEU E 41 -9.76 20.80 16.40
C LEU E 41 -11.17 20.21 16.35
N ARG E 42 -11.88 20.40 17.45
CA ARG E 42 -13.33 20.29 17.43
C ARG E 42 -13.90 21.67 17.16
N ALA E 43 -14.48 21.83 15.96
CA ALA E 43 -15.01 23.14 15.58
C ALA E 43 -16.27 23.42 16.39
N SER E 44 -16.37 24.65 16.94
CA SER E 44 -17.54 25.02 17.72
C SER E 44 -18.78 25.09 16.82
N GLU E 45 -19.95 24.99 17.45
CA GLU E 45 -21.20 25.14 16.71
C GLU E 45 -21.25 26.49 16.00
N GLU E 46 -20.82 27.54 16.71
CA GLU E 46 -20.85 28.88 16.14
C GLU E 46 -19.96 28.91 14.89
N HIS E 47 -18.77 28.33 14.96
CA HIS E 47 -17.81 28.33 13.87
C HIS E 47 -18.42 27.61 12.68
N LEU E 48 -19.06 26.46 12.92
CA LEU E 48 -19.63 25.67 11.85
C LEU E 48 -20.84 26.38 11.22
N LYS E 49 -21.65 27.08 12.02
CA LYS E 49 -22.77 27.83 11.48
C LYS E 49 -22.26 28.93 10.54
N GLN E 50 -21.09 29.51 10.84
CA GLN E 50 -20.46 30.48 9.94
C GLN E 50 -19.95 29.81 8.67
N HIS E 51 -19.25 28.68 8.82
CA HIS E 51 -18.77 27.92 7.67
C HIS E 51 -19.93 27.58 6.73
N TYR E 52 -21.07 27.18 7.29
CA TYR E 52 -22.23 26.72 6.50
C TYR E 52 -23.32 27.78 6.42
N ILE E 53 -22.96 29.06 6.52
CA ILE E 53 -23.96 30.13 6.61
C ILE E 53 -24.93 30.08 5.42
N ASP E 54 -24.47 29.70 4.23
CA ASP E 54 -25.35 29.63 3.06
C ASP E 54 -26.47 28.60 3.23
N LEU E 55 -26.29 27.60 4.11
CA LEU E 55 -27.17 26.46 4.22
C LEU E 55 -28.11 26.57 5.41
N LYS E 56 -28.14 27.72 6.09
CA LYS E 56 -28.80 27.84 7.38
C LYS E 56 -30.30 27.54 7.29
N ASP E 57 -30.90 27.64 6.10
CA ASP E 57 -32.33 27.38 5.95
C ASP E 57 -32.61 26.01 5.35
N ARG E 58 -31.58 25.20 5.07
CA ARG E 58 -31.79 23.88 4.49
C ARG E 58 -32.29 22.93 5.59
N PRO E 59 -33.17 21.95 5.29
CA PRO E 59 -33.78 21.15 6.35
C PRO E 59 -32.74 20.31 7.14
N PHE E 60 -31.61 19.96 6.49
CA PHE E 60 -30.60 19.12 7.09
C PHE E 60 -29.65 19.92 7.98
N PHE E 61 -29.80 21.25 8.10
CA PHE E 61 -28.79 22.11 8.70
C PHE E 61 -28.51 21.79 10.18
N PRO E 62 -29.53 21.67 11.06
CA PRO E 62 -29.25 21.39 12.48
C PRO E 62 -28.47 20.08 12.67
N GLY E 63 -28.85 19.05 11.93
CA GLY E 63 -28.15 17.78 11.96
C GLY E 63 -26.73 17.86 11.41
N LEU E 64 -26.55 18.68 10.37
CA LEU E 64 -25.25 18.86 9.74
C LEU E 64 -24.31 19.46 10.79
N VAL E 65 -24.75 20.52 11.46
CA VAL E 65 -23.93 21.20 12.44
C VAL E 65 -23.60 20.26 13.60
N LYS E 66 -24.59 19.49 14.07
CA LYS E 66 -24.36 18.58 15.18
C LYS E 66 -23.31 17.54 14.78
N TYR E 67 -23.45 16.94 13.58
CA TYR E 67 -22.50 15.95 13.11
C TYR E 67 -21.11 16.58 12.97
N MET E 68 -21.01 17.78 12.38
CA MET E 68 -19.71 18.38 12.17
C MET E 68 -19.01 18.79 13.50
N ASN E 69 -19.80 18.89 14.58
CA ASN E 69 -19.27 19.17 15.91
C ASN E 69 -19.09 17.90 16.76
N SER E 70 -19.41 16.72 16.23
CA SER E 70 -19.52 15.50 17.03
C SER E 70 -18.17 14.79 17.19
N GLY E 71 -17.15 15.32 16.55
CA GLY E 71 -15.77 14.88 16.75
C GLY E 71 -14.83 15.88 16.12
N PRO E 72 -13.51 15.74 16.28
CA PRO E 72 -12.57 16.67 15.65
C PRO E 72 -12.46 16.48 14.15
N VAL E 73 -12.03 17.56 13.52
CA VAL E 73 -11.71 17.63 12.10
C VAL E 73 -10.23 17.99 11.92
N VAL E 74 -9.70 17.63 10.76
CA VAL E 74 -8.39 18.06 10.32
C VAL E 74 -8.60 19.14 9.27
N ALA E 75 -8.14 20.35 9.56
CA ALA E 75 -8.24 21.47 8.62
C ALA E 75 -6.91 21.67 7.95
N MET E 76 -6.94 21.86 6.61
CA MET E 76 -5.70 21.98 5.85
C MET E 76 -5.83 23.05 4.77
N VAL E 77 -4.69 23.61 4.37
CA VAL E 77 -4.55 24.41 3.16
C VAL E 77 -3.50 23.71 2.29
N TRP E 78 -3.84 23.51 1.01
CA TRP E 78 -2.92 22.95 0.03
C TRP E 78 -2.75 23.93 -1.15
N GLU E 79 -1.54 23.94 -1.73
CA GLU E 79 -1.16 24.86 -2.79
C GLU E 79 -0.76 24.08 -4.04
N GLY E 80 -1.20 24.60 -5.19
CA GLY E 80 -0.66 24.18 -6.47
C GLY E 80 -1.54 24.60 -7.64
N LEU E 81 -1.03 24.35 -8.84
CA LEU E 81 -1.77 24.69 -10.05
C LEU E 81 -3.15 24.05 -10.05
N ASN E 82 -4.20 24.89 -10.22
CA ASN E 82 -5.57 24.40 -10.24
C ASN E 82 -5.95 23.51 -9.06
N VAL E 83 -5.33 23.76 -7.88
CA VAL E 83 -5.57 22.87 -6.77
C VAL E 83 -7.04 22.87 -6.32
N VAL E 84 -7.79 23.95 -6.50
CA VAL E 84 -9.18 23.90 -6.12
C VAL E 84 -9.96 22.87 -6.96
N LYS E 85 -9.92 23.02 -8.26
CA LYS E 85 -10.68 22.17 -9.18
C LYS E 85 -10.15 20.71 -9.13
N THR E 86 -8.83 20.54 -9.15
CA THR E 86 -8.18 19.23 -9.12
C THR E 86 -8.40 18.56 -7.77
N GLY E 87 -8.34 19.32 -6.68
CA GLY E 87 -8.68 18.81 -5.36
C GLY E 87 -10.07 18.21 -5.36
N ARG E 88 -11.03 18.89 -5.99
CA ARG E 88 -12.39 18.38 -6.03
C ARG E 88 -12.46 17.09 -6.84
N VAL E 89 -11.71 17.01 -7.93
CA VAL E 89 -11.66 15.75 -8.70
C VAL E 89 -11.09 14.59 -7.85
N MET E 90 -10.06 14.87 -7.06
CA MET E 90 -9.42 13.86 -6.23
C MET E 90 -10.36 13.40 -5.13
N LEU E 91 -11.16 14.32 -4.56
CA LEU E 91 -12.16 13.94 -3.56
C LEU E 91 -13.28 13.08 -4.16
N GLY E 92 -13.68 13.38 -5.39
CA GLY E 92 -14.81 12.76 -6.03
C GLY E 92 -16.05 13.63 -5.83
N GLU E 93 -17.12 13.19 -6.37
CA GLU E 93 -18.40 13.88 -6.24
C GLU E 93 -18.81 13.95 -4.77
N THR E 94 -19.52 15.04 -4.45
CA THR E 94 -19.93 15.29 -3.07
C THR E 94 -20.79 14.13 -2.55
N ASN E 95 -21.66 13.60 -3.40
CA ASN E 95 -22.44 12.40 -3.07
C ASN E 95 -21.61 11.14 -3.39
N PRO E 96 -21.18 10.35 -2.39
CA PRO E 96 -20.31 9.20 -2.66
C PRO E 96 -20.92 8.19 -3.64
N ALA E 97 -22.24 8.14 -3.76
CA ALA E 97 -22.93 7.27 -4.72
C ALA E 97 -22.41 7.50 -6.14
N ASP E 98 -22.03 8.74 -6.43
CA ASP E 98 -21.58 9.14 -7.76
C ASP E 98 -20.05 9.27 -7.89
N SER E 99 -19.29 9.00 -6.81
CA SER E 99 -17.85 9.20 -6.78
C SER E 99 -17.19 7.97 -7.39
N LYS E 100 -16.19 8.17 -8.22
CA LYS E 100 -15.60 7.07 -8.97
C LYS E 100 -14.58 6.33 -8.10
N PRO E 101 -14.39 5.02 -8.34
CA PRO E 101 -13.24 4.35 -7.68
C PRO E 101 -11.96 5.06 -8.08
N GLY E 102 -11.03 5.17 -7.14
CA GLY E 102 -9.83 5.97 -7.31
C GLY E 102 -9.88 7.32 -6.62
N THR E 103 -11.08 7.83 -6.36
CA THR E 103 -11.24 9.07 -5.61
C THR E 103 -11.34 8.77 -4.13
N ILE E 104 -11.15 9.78 -3.29
CA ILE E 104 -11.21 9.61 -1.86
C ILE E 104 -12.61 9.10 -1.48
N ARG E 105 -13.67 9.80 -1.88
CA ARG E 105 -14.99 9.36 -1.47
C ARG E 105 -15.37 8.03 -2.15
N GLY E 106 -14.97 7.83 -3.41
CA GLY E 106 -15.28 6.60 -4.14
C GLY E 106 -14.64 5.38 -3.43
N ASP E 107 -13.43 5.56 -2.94
CA ASP E 107 -12.74 4.43 -2.29
C ASP E 107 -13.22 4.20 -0.86
N PHE E 108 -13.67 5.24 -0.12
CA PHE E 108 -13.72 5.15 1.32
C PHE E 108 -15.04 5.47 2.01
N CYS E 109 -16.10 5.84 1.29
CA CYS E 109 -17.36 6.11 1.98
C CYS E 109 -18.57 5.91 1.09
N ILE E 110 -19.77 6.00 1.70
CA ILE E 110 -20.96 5.48 1.11
C ILE E 110 -22.10 6.51 0.95
N GLN E 111 -22.37 7.27 2.00
CA GLN E 111 -23.57 8.09 2.11
C GLN E 111 -23.20 9.58 2.17
N VAL E 112 -24.07 10.42 1.57
CA VAL E 112 -23.75 11.86 1.44
C VAL E 112 -23.63 12.56 2.80
N GLY E 113 -24.41 12.13 3.79
CA GLY E 113 -24.33 12.72 5.13
C GLY E 113 -23.12 12.29 5.96
N ARG E 114 -22.36 11.33 5.43
CA ARG E 114 -21.13 10.83 6.03
C ARG E 114 -20.08 10.71 4.93
N ASN E 115 -19.71 11.86 4.37
CA ASN E 115 -18.90 11.86 3.14
C ASN E 115 -17.47 12.31 3.37
N ILE E 116 -16.95 12.11 4.61
CA ILE E 116 -15.57 12.11 5.10
C ILE E 116 -14.73 13.39 4.92
N ILE E 117 -15.05 14.26 3.96
CA ILE E 117 -14.14 15.29 3.55
C ILE E 117 -14.87 16.43 2.88
N HIS E 118 -14.25 17.64 2.97
CA HIS E 118 -14.69 18.84 2.30
C HIS E 118 -13.51 19.38 1.48
N GLY E 119 -13.81 19.94 0.30
CA GLY E 119 -12.88 20.77 -0.43
C GLY E 119 -13.59 22.03 -0.95
N SER E 120 -12.87 23.18 -1.01
CA SER E 120 -13.46 24.39 -1.52
C SER E 120 -14.02 24.19 -2.93
N ASP E 121 -15.14 24.83 -3.25
CA ASP E 121 -15.75 24.67 -4.59
C ASP E 121 -15.21 25.67 -5.61
N SER E 122 -14.50 26.71 -5.18
CA SER E 122 -14.03 27.81 -6.03
C SER E 122 -12.85 28.50 -5.32
N VAL E 123 -12.09 29.31 -6.05
CA VAL E 123 -11.03 30.12 -5.44
C VAL E 123 -11.65 31.12 -4.45
N LYS E 124 -12.78 31.72 -4.79
CA LYS E 124 -13.40 32.69 -3.92
C LYS E 124 -13.81 32.00 -2.62
N SER E 125 -14.40 30.80 -2.71
CA SER E 125 -14.80 30.06 -1.54
C SER E 125 -13.58 29.67 -0.71
N ALA E 126 -12.51 29.23 -1.40
CA ALA E 126 -11.28 28.86 -0.72
C ALA E 126 -10.75 30.00 0.14
N GLU E 127 -10.68 31.17 -0.43
CA GLU E 127 -10.08 32.30 0.32
C GLU E 127 -10.94 32.67 1.53
N LYS E 128 -12.26 32.57 1.38
CA LYS E 128 -13.17 32.80 2.50
C LYS E 128 -12.97 31.74 3.60
N GLU E 129 -12.90 30.47 3.17
CA GLU E 129 -12.73 29.36 4.11
C GLU E 129 -11.37 29.44 4.82
N ILE E 130 -10.33 29.81 4.07
CA ILE E 130 -8.99 29.92 4.66
C ILE E 130 -8.98 31.01 5.73
N SER E 131 -9.60 32.16 5.45
CA SER E 131 -9.69 33.28 6.39
C SER E 131 -10.48 32.89 7.64
N LEU E 132 -11.52 32.07 7.46
CA LEU E 132 -12.36 31.67 8.59
C LEU E 132 -11.62 30.68 9.50
N TRP E 133 -10.93 29.68 8.90
CA TRP E 133 -10.40 28.57 9.68
C TRP E 133 -8.97 28.79 10.17
N PHE E 134 -8.21 29.68 9.55
CA PHE E 134 -6.80 29.87 9.88
C PHE E 134 -6.49 31.33 10.16
N LYS E 135 -5.54 31.55 11.08
CA LYS E 135 -4.86 32.83 11.21
C LYS E 135 -3.85 32.97 10.09
N PRO E 136 -3.59 34.19 9.57
CA PRO E 136 -2.63 34.34 8.47
C PRO E 136 -1.26 33.72 8.77
N GLU E 137 -0.80 33.85 10.03
CA GLU E 137 0.52 33.36 10.39
C GLU E 137 0.58 31.83 10.46
N GLU E 138 -0.55 31.11 10.40
CA GLU E 138 -0.54 29.65 10.38
C GLU E 138 -0.24 29.09 8.99
N LEU E 139 -0.21 29.95 7.93
CA LEU E 139 0.09 29.48 6.58
C LEU E 139 1.60 29.63 6.35
N VAL E 140 2.28 28.51 6.15
CA VAL E 140 3.73 28.47 6.14
C VAL E 140 4.22 28.59 4.71
N ASP E 141 5.19 29.49 4.49
CA ASP E 141 5.88 29.67 3.22
C ASP E 141 7.18 28.87 3.22
N TYR E 142 7.26 27.86 2.33
CA TYR E 142 8.48 27.11 2.10
C TYR E 142 8.40 26.55 0.67
N LYS E 143 9.55 26.09 0.17
CA LYS E 143 9.63 25.57 -1.21
C LYS E 143 9.88 24.07 -1.14
N SER E 144 9.03 23.31 -1.82
CA SER E 144 9.22 21.87 -2.00
C SER E 144 10.51 21.57 -2.75
N CYS E 145 11.27 20.58 -2.25
CA CYS E 145 12.52 20.18 -2.85
C CYS E 145 12.30 19.64 -4.28
N ALA E 146 11.08 19.15 -4.58
CA ALA E 146 10.86 18.61 -5.92
C ALA E 146 10.12 19.60 -6.84
N HIS E 147 10.01 20.87 -6.42
CA HIS E 147 9.18 21.82 -7.16
C HIS E 147 9.52 21.86 -8.65
N ASP E 148 10.81 21.85 -9.03
CA ASP E 148 11.21 22.01 -10.41
C ASP E 148 11.02 20.73 -11.21
N TRP E 149 10.69 19.61 -10.54
CA TRP E 149 10.30 18.37 -11.20
C TRP E 149 8.78 18.21 -11.30
N VAL E 150 8.05 19.07 -10.64
CA VAL E 150 6.58 19.09 -10.70
C VAL E 150 6.12 20.17 -11.70
N TYR E 151 6.88 21.28 -11.76
CA TYR E 151 6.52 22.43 -12.58
C TYR E 151 7.62 22.80 -13.57
N GLU E 152 7.21 23.07 -14.81
CA GLU E 152 8.03 23.72 -15.81
C GLU E 152 8.39 25.16 -15.43
N GLY F 1 -0.03 -13.74 -32.20
CA GLY F 1 -1.40 -13.53 -31.70
C GLY F 1 -1.56 -12.12 -31.13
N ALA F 2 -2.83 -11.79 -30.85
CA ALA F 2 -3.15 -10.51 -30.23
C ALA F 2 -2.46 -10.37 -28.87
N ASN F 3 -2.25 -11.48 -28.13
CA ASN F 3 -1.66 -11.42 -26.79
C ASN F 3 -0.15 -11.12 -26.85
N LEU F 4 0.45 -11.09 -28.06
CA LEU F 4 1.89 -10.84 -28.20
C LEU F 4 2.18 -9.37 -28.50
N GLU F 5 1.16 -8.51 -28.51
CA GLU F 5 1.39 -7.08 -28.72
C GLU F 5 2.36 -6.55 -27.65
N ARG F 6 3.18 -5.55 -28.02
CA ARG F 6 4.13 -4.88 -27.14
C ARG F 6 3.96 -3.35 -27.22
N THR F 7 4.28 -2.67 -26.12
CA THR F 7 4.33 -1.22 -26.10
C THR F 7 5.63 -0.79 -25.44
N PHE F 8 6.02 0.47 -25.73
CA PHE F 8 7.15 1.10 -25.11
C PHE F 8 6.66 2.07 -24.04
N ILE F 9 7.16 1.88 -22.82
CA ILE F 9 6.84 2.79 -21.69
C ILE F 9 8.16 3.37 -21.20
N ALA F 10 8.25 4.69 -21.05
CA ALA F 10 9.44 5.32 -20.45
C ALA F 10 9.02 6.16 -19.26
N ILE F 11 9.69 5.95 -18.14
CA ILE F 11 9.51 6.85 -16.99
C ILE F 11 10.46 8.02 -17.18
N LYS F 12 9.90 9.22 -17.25
CA LYS F 12 10.62 10.44 -17.60
C LYS F 12 11.46 10.90 -16.39
N PRO F 13 12.38 11.88 -16.58
CA PRO F 13 13.31 12.22 -15.51
C PRO F 13 12.64 12.64 -14.20
N ASP F 14 11.48 13.30 -14.32
CA ASP F 14 10.73 13.73 -13.14
C ASP F 14 10.17 12.52 -12.39
N GLY F 15 9.76 11.48 -13.12
CA GLY F 15 9.28 10.26 -12.46
C GLY F 15 10.39 9.59 -11.66
N VAL F 16 11.59 9.52 -12.22
CA VAL F 16 12.72 8.98 -11.49
C VAL F 16 13.04 9.85 -10.28
N GLN F 17 13.15 11.16 -10.48
CA GLN F 17 13.55 12.09 -9.44
C GLN F 17 12.59 12.07 -8.28
N ARG F 18 11.29 11.87 -8.56
CA ARG F 18 10.25 11.89 -7.53
C ARG F 18 10.01 10.51 -6.92
N GLY F 19 10.85 9.52 -7.28
CA GLY F 19 10.81 8.23 -6.61
C GLY F 19 9.61 7.36 -6.95
N LEU F 20 9.13 7.39 -8.20
CA LEU F 20 7.95 6.67 -8.63
C LEU F 20 8.26 5.42 -9.48
N VAL F 21 9.51 4.99 -9.59
CA VAL F 21 9.84 3.91 -10.52
C VAL F 21 9.15 2.61 -10.06
N GLY F 22 9.32 2.28 -8.77
CA GLY F 22 8.71 1.06 -8.25
C GLY F 22 7.20 1.04 -8.39
N GLU F 23 6.58 2.15 -7.99
CA GLU F 23 5.14 2.29 -8.03
C GLU F 23 4.63 2.07 -9.46
N ILE F 24 5.29 2.64 -10.47
CA ILE F 24 4.81 2.53 -11.83
C ILE F 24 4.98 1.07 -12.32
N ILE F 25 6.12 0.45 -12.06
CA ILE F 25 6.34 -0.93 -12.52
C ILE F 25 5.31 -1.83 -11.86
N LYS F 26 5.02 -1.63 -10.58
CA LYS F 26 4.03 -2.44 -9.87
C LYS F 26 2.66 -2.38 -10.58
N ARG F 27 2.26 -1.21 -11.06
CA ARG F 27 0.99 -1.08 -11.78
C ARG F 27 0.90 -2.01 -12.97
N PHE F 28 1.99 -2.11 -13.72
CA PHE F 28 2.03 -2.97 -14.90
C PHE F 28 2.10 -4.44 -14.52
N GLU F 29 2.91 -4.79 -13.49
CA GLU F 29 2.97 -6.18 -13.07
C GLU F 29 1.61 -6.66 -12.57
N GLN F 30 0.96 -5.88 -11.72
CA GLN F 30 -0.25 -6.34 -11.04
C GLN F 30 -1.40 -6.49 -12.03
N LYS F 31 -1.36 -5.78 -13.17
CA LYS F 31 -2.38 -5.85 -14.19
C LYS F 31 -2.33 -7.21 -14.90
N GLY F 32 -1.11 -7.81 -15.01
CA GLY F 32 -0.87 -9.04 -15.74
C GLY F 32 -0.04 -8.91 -17.01
N PHE F 33 0.52 -7.74 -17.27
CA PHE F 33 1.44 -7.56 -18.41
C PHE F 33 2.81 -8.15 -18.09
N ARG F 34 3.54 -8.56 -19.14
CA ARG F 34 4.85 -9.16 -19.00
C ARG F 34 5.95 -8.15 -19.33
N LEU F 35 6.89 -7.99 -18.41
CA LEU F 35 8.04 -7.13 -18.67
C LEU F 35 8.97 -7.87 -19.65
N VAL F 36 9.27 -7.24 -20.80
CA VAL F 36 10.07 -7.83 -21.85
C VAL F 36 11.49 -7.28 -21.81
N ALA F 37 11.62 -5.96 -21.52
CA ALA F 37 12.93 -5.32 -21.58
C ALA F 37 12.93 -4.14 -20.64
N MET F 38 14.12 -3.79 -20.13
CA MET F 38 14.22 -2.63 -19.25
C MET F 38 15.67 -2.17 -19.17
N LYS F 39 15.88 -0.86 -19.26
CA LYS F 39 17.19 -0.27 -19.05
C LYS F 39 17.01 1.15 -18.52
N PHE F 40 18.08 1.68 -17.96
CA PHE F 40 18.14 2.95 -17.27
C PHE F 40 19.31 3.73 -17.88
N LEU F 41 19.03 4.94 -18.37
CA LEU F 41 20.03 5.72 -19.07
C LEU F 41 19.67 7.20 -19.05
N ARG F 42 20.70 8.03 -19.28
CA ARG F 42 20.47 9.40 -19.68
C ARG F 42 20.49 9.43 -21.20
N ALA F 43 19.30 9.64 -21.80
CA ALA F 43 19.19 9.64 -23.26
C ALA F 43 19.88 10.87 -23.82
N SER F 44 20.70 10.71 -24.87
CA SER F 44 21.36 11.84 -25.48
C SER F 44 20.37 12.76 -26.19
N GLU F 45 20.78 14.01 -26.41
CA GLU F 45 19.95 14.92 -27.16
C GLU F 45 19.67 14.38 -28.57
N GLU F 46 20.65 13.77 -29.21
CA GLU F 46 20.48 13.24 -30.57
C GLU F 46 19.42 12.13 -30.51
N HIS F 47 19.50 11.25 -29.51
CA HIS F 47 18.55 10.15 -29.35
C HIS F 47 17.15 10.70 -29.15
N LEU F 48 17.01 11.73 -28.34
CA LEU F 48 15.70 12.31 -28.02
C LEU F 48 15.12 13.03 -29.23
N LYS F 49 15.96 13.69 -30.01
CA LYS F 49 15.50 14.33 -31.24
C LYS F 49 14.92 13.29 -32.21
N GLN F 50 15.48 12.08 -32.21
CA GLN F 50 14.93 11.01 -33.04
C GLN F 50 13.60 10.51 -32.42
N HIS F 51 13.56 10.29 -31.12
CA HIS F 51 12.35 9.85 -30.43
C HIS F 51 11.20 10.83 -30.73
N TYR F 52 11.50 12.14 -30.68
CA TYR F 52 10.48 13.15 -30.84
C TYR F 52 10.50 13.79 -32.22
N ILE F 53 10.98 13.08 -33.25
CA ILE F 53 11.16 13.67 -34.55
C ILE F 53 9.87 14.29 -35.10
N ASP F 54 8.71 13.71 -34.80
CA ASP F 54 7.45 14.26 -35.30
C ASP F 54 7.15 15.65 -34.69
N LEU F 55 7.80 16.01 -33.57
CA LEU F 55 7.51 17.24 -32.85
C LEU F 55 8.56 18.33 -33.10
N LYS F 56 9.48 18.12 -34.03
CA LYS F 56 10.66 18.95 -34.15
C LYS F 56 10.32 20.42 -34.43
N ASP F 57 9.13 20.71 -34.97
CA ASP F 57 8.75 22.09 -35.27
C ASP F 57 7.78 22.64 -34.23
N ARG F 58 7.46 21.91 -33.17
CA ARG F 58 6.54 22.41 -32.14
C ARG F 58 7.31 23.41 -31.27
N PRO F 59 6.68 24.48 -30.76
CA PRO F 59 7.44 25.53 -30.06
C PRO F 59 8.12 25.02 -28.78
N PHE F 60 7.55 23.98 -28.16
CA PHE F 60 8.05 23.42 -26.91
C PHE F 60 9.19 22.43 -27.14
N PHE F 61 9.58 22.14 -28.40
CA PHE F 61 10.52 21.05 -28.70
C PHE F 61 11.89 21.26 -28.06
N PRO F 62 12.56 22.43 -28.17
CA PRO F 62 13.91 22.58 -27.57
C PRO F 62 13.91 22.34 -26.07
N GLY F 63 12.89 22.89 -25.39
CA GLY F 63 12.73 22.69 -23.96
C GLY F 63 12.41 21.23 -23.60
N LEU F 64 11.66 20.56 -24.46
CA LEU F 64 11.26 19.19 -24.22
C LEU F 64 12.52 18.32 -24.25
N VAL F 65 13.35 18.52 -25.27
CA VAL F 65 14.57 17.75 -25.42
C VAL F 65 15.50 18.02 -24.22
N LYS F 66 15.65 19.28 -23.82
CA LYS F 66 16.52 19.60 -22.68
C LYS F 66 16.01 18.94 -21.41
N TYR F 67 14.71 19.01 -21.14
CA TYR F 67 14.14 18.37 -19.95
C TYR F 67 14.34 16.86 -20.02
N MET F 68 14.08 16.24 -21.17
CA MET F 68 14.18 14.80 -21.27
C MET F 68 15.63 14.31 -21.15
N ASN F 69 16.60 15.21 -21.35
CA ASN F 69 18.03 14.91 -21.17
C ASN F 69 18.54 15.33 -19.78
N SER F 70 17.70 15.94 -18.95
CA SER F 70 18.16 16.60 -17.72
C SER F 70 18.29 15.60 -16.55
N GLY F 71 17.90 14.36 -16.77
CA GLY F 71 18.16 13.27 -15.84
C GLY F 71 17.92 11.93 -16.51
N PRO F 72 18.17 10.80 -15.85
CA PRO F 72 17.92 9.50 -16.45
C PRO F 72 16.43 9.15 -16.55
N VAL F 73 16.18 8.26 -17.51
CA VAL F 73 14.87 7.66 -17.74
C VAL F 73 14.96 6.15 -17.56
N VAL F 74 13.80 5.54 -17.23
CA VAL F 74 13.66 4.11 -17.24
C VAL F 74 12.89 3.74 -18.51
N ALA F 75 13.54 3.02 -19.42
CA ALA F 75 12.93 2.59 -20.67
C ALA F 75 12.49 1.12 -20.50
N MET F 76 11.29 0.79 -20.95
CA MET F 76 10.72 -0.53 -20.79
C MET F 76 9.95 -0.97 -22.05
N VAL F 77 9.85 -2.29 -22.23
CA VAL F 77 8.90 -2.89 -23.15
C VAL F 77 8.01 -3.83 -22.32
N TRP F 78 6.69 -3.69 -22.51
CA TRP F 78 5.69 -4.55 -21.89
C TRP F 78 4.84 -5.22 -22.97
N GLU F 79 4.45 -6.49 -22.70
CA GLU F 79 3.69 -7.32 -23.60
C GLU F 79 2.34 -7.69 -22.99
N GLY F 80 1.32 -7.70 -23.86
CA GLY F 80 0.05 -8.26 -23.52
C GLY F 80 -1.05 -7.83 -24.49
N LEU F 81 -2.22 -8.44 -24.31
CA LEU F 81 -3.36 -8.14 -25.15
C LEU F 81 -3.71 -6.65 -25.01
N ASN F 82 -3.76 -5.98 -26.17
CA ASN F 82 -4.07 -4.56 -26.25
C ASN F 82 -3.23 -3.69 -25.31
N VAL F 83 -1.99 -4.09 -25.08
CA VAL F 83 -1.15 -3.39 -24.13
C VAL F 83 -0.91 -1.94 -24.57
N VAL F 84 -0.88 -1.64 -25.87
CA VAL F 84 -0.67 -0.25 -26.27
C VAL F 84 -1.83 0.63 -25.77
N LYS F 85 -3.06 0.28 -26.16
CA LYS F 85 -4.23 1.10 -25.80
C LYS F 85 -4.50 1.08 -24.28
N THR F 86 -4.41 -0.11 -23.67
CA THR F 86 -4.66 -0.27 -22.24
C THR F 86 -3.56 0.43 -21.43
N GLY F 87 -2.30 0.34 -21.89
CA GLY F 87 -1.21 1.06 -21.26
C GLY F 87 -1.49 2.56 -21.22
N ARG F 88 -2.00 3.09 -22.33
CA ARG F 88 -2.34 4.51 -22.37
C ARG F 88 -3.45 4.84 -21.36
N VAL F 89 -4.45 3.98 -21.23
CA VAL F 89 -5.50 4.19 -20.25
C VAL F 89 -4.92 4.23 -18.82
N MET F 90 -4.01 3.32 -18.54
CA MET F 90 -3.38 3.21 -17.22
C MET F 90 -2.56 4.46 -16.90
N LEU F 91 -1.85 5.00 -17.90
CA LEU F 91 -1.11 6.24 -17.72
C LEU F 91 -2.03 7.45 -17.44
N GLY F 92 -3.19 7.48 -18.12
CA GLY F 92 -4.10 8.58 -18.09
C GLY F 92 -3.83 9.48 -19.28
N GLU F 93 -4.59 10.54 -19.38
CA GLU F 93 -4.43 11.52 -20.45
C GLU F 93 -3.03 12.14 -20.38
N THR F 94 -2.51 12.51 -21.54
CA THR F 94 -1.17 13.08 -21.63
C THR F 94 -1.06 14.36 -20.78
N ASN F 95 -2.09 15.17 -20.76
CA ASN F 95 -2.18 16.33 -19.88
C ASN F 95 -2.69 15.92 -18.50
N PRO F 96 -1.88 15.98 -17.42
CA PRO F 96 -2.33 15.50 -16.11
C PRO F 96 -3.60 16.18 -15.61
N ALA F 97 -3.87 17.42 -16.07
CA ALA F 97 -5.09 18.14 -15.70
C ALA F 97 -6.34 17.31 -16.00
N ASP F 98 -6.26 16.52 -17.07
CA ASP F 98 -7.40 15.73 -17.54
C ASP F 98 -7.33 14.24 -17.16
N SER F 99 -6.30 13.83 -16.45
CA SER F 99 -6.06 12.43 -16.09
C SER F 99 -6.86 12.13 -14.83
N LYS F 100 -7.53 11.01 -14.82
CA LYS F 100 -8.50 10.70 -13.76
C LYS F 100 -7.74 10.08 -12.58
N PRO F 101 -8.24 10.29 -11.34
CA PRO F 101 -7.68 9.55 -10.22
C PRO F 101 -7.75 8.04 -10.47
N GLY F 102 -6.71 7.33 -10.05
CA GLY F 102 -6.55 5.94 -10.37
C GLY F 102 -5.53 5.68 -11.49
N THR F 103 -5.32 6.66 -12.36
CA THR F 103 -4.27 6.58 -13.38
C THR F 103 -2.95 7.06 -12.81
N ILE F 104 -1.86 6.71 -13.48
CA ILE F 104 -0.54 7.09 -13.02
C ILE F 104 -0.45 8.62 -13.00
N ARG F 105 -0.75 9.29 -14.12
CA ARG F 105 -0.62 10.75 -14.10
C ARG F 105 -1.65 11.38 -13.17
N GLY F 106 -2.87 10.84 -13.11
CA GLY F 106 -3.91 11.37 -12.25
C GLY F 106 -3.50 11.35 -10.78
N ASP F 107 -2.84 10.26 -10.38
CA ASP F 107 -2.43 10.09 -8.99
C ASP F 107 -1.19 10.89 -8.63
N PHE F 108 -0.26 11.11 -9.60
CA PHE F 108 1.10 11.46 -9.25
C PHE F 108 1.66 12.75 -9.84
N CYS F 109 0.97 13.46 -10.72
CA CYS F 109 1.57 14.69 -11.25
C CYS F 109 0.51 15.70 -11.68
N ILE F 110 0.98 16.90 -12.08
CA ILE F 110 0.13 18.07 -12.17
C ILE F 110 0.15 18.74 -13.56
N GLN F 111 1.36 18.93 -14.12
CA GLN F 111 1.55 19.82 -15.25
C GLN F 111 2.05 19.05 -16.47
N VAL F 112 1.60 19.46 -17.67
CA VAL F 112 1.88 18.70 -18.88
C VAL F 112 3.38 18.57 -19.20
N GLY F 113 4.16 19.62 -18.89
CA GLY F 113 5.61 19.57 -19.10
C GLY F 113 6.40 18.74 -18.11
N ARG F 114 5.71 18.25 -17.07
CA ARG F 114 6.28 17.38 -16.05
C ARG F 114 5.30 16.23 -15.82
N ASN F 115 5.09 15.41 -16.86
CA ASN F 115 4.00 14.44 -16.83
C ASN F 115 4.50 12.99 -16.68
N ILE F 116 5.67 12.81 -16.04
CA ILE F 116 6.29 11.62 -15.46
C ILE F 116 6.51 10.39 -16.34
N ILE F 117 5.77 10.21 -17.44
CA ILE F 117 5.80 8.95 -18.15
C ILE F 117 5.36 9.15 -19.59
N HIS F 118 5.88 8.25 -20.46
CA HIS F 118 5.49 8.14 -21.86
C HIS F 118 4.99 6.72 -22.13
N GLY F 119 3.95 6.60 -22.99
CA GLY F 119 3.57 5.32 -23.54
C GLY F 119 3.30 5.45 -25.04
N SER F 120 3.68 4.43 -25.85
CA SER F 120 3.43 4.49 -27.27
C SER F 120 1.96 4.80 -27.58
N ASP F 121 1.71 5.56 -28.65
CA ASP F 121 0.33 5.90 -29.02
C ASP F 121 -0.33 4.88 -29.95
N SER F 122 0.43 3.96 -30.54
CA SER F 122 -0.10 3.02 -31.54
C SER F 122 0.85 1.85 -31.62
N VAL F 123 0.41 0.73 -32.22
CA VAL F 123 1.28 -0.41 -32.45
C VAL F 123 2.46 -0.03 -33.36
N LYS F 124 2.18 0.74 -34.39
CA LYS F 124 3.21 1.15 -35.32
C LYS F 124 4.25 1.99 -34.60
N SER F 125 3.81 2.95 -33.76
CA SER F 125 4.72 3.80 -33.03
C SER F 125 5.50 2.97 -32.01
N ALA F 126 4.84 2.01 -31.36
CA ALA F 126 5.50 1.16 -30.40
C ALA F 126 6.67 0.42 -31.05
N GLU F 127 6.46 -0.16 -32.22
CA GLU F 127 7.52 -0.95 -32.83
C GLU F 127 8.68 -0.04 -33.22
N LYS F 128 8.38 1.20 -33.67
CA LYS F 128 9.42 2.15 -33.98
C LYS F 128 10.22 2.51 -32.72
N GLU F 129 9.50 2.81 -31.63
CA GLU F 129 10.13 3.17 -30.37
C GLU F 129 10.96 2.03 -29.81
N ILE F 130 10.43 0.80 -29.87
CA ILE F 130 11.17 -0.35 -29.36
C ILE F 130 12.49 -0.52 -30.13
N SER F 131 12.45 -0.39 -31.46
CA SER F 131 13.65 -0.48 -32.28
CA SER F 131 13.65 -0.48 -32.28
C SER F 131 14.65 0.63 -31.99
N LEU F 132 14.15 1.83 -31.68
CA LEU F 132 15.04 2.96 -31.38
C LEU F 132 15.75 2.78 -30.06
N TRP F 133 15.02 2.35 -29.01
CA TRP F 133 15.54 2.35 -27.65
C TRP F 133 16.24 1.06 -27.27
N PHE F 134 15.94 -0.05 -27.97
CA PHE F 134 16.46 -1.35 -27.57
C PHE F 134 17.12 -2.07 -28.73
N LYS F 135 18.18 -2.81 -28.42
CA LYS F 135 18.70 -3.84 -29.32
C LYS F 135 17.78 -5.05 -29.31
N PRO F 136 17.61 -5.77 -30.43
CA PRO F 136 16.72 -6.94 -30.45
C PRO F 136 17.00 -7.96 -29.35
N GLU F 137 18.28 -8.13 -29.01
CA GLU F 137 18.74 -9.11 -28.03
C GLU F 137 18.36 -8.70 -26.60
N GLU F 138 17.99 -7.43 -26.38
CA GLU F 138 17.62 -6.95 -25.06
C GLU F 138 16.16 -7.26 -24.75
N LEU F 139 15.38 -7.79 -25.71
CA LEU F 139 14.01 -8.19 -25.45
C LEU F 139 14.02 -9.69 -25.08
N VAL F 140 13.63 -9.98 -23.82
CA VAL F 140 13.76 -11.32 -23.28
C VAL F 140 12.46 -12.10 -23.51
N ASP F 141 12.60 -13.33 -23.97
CA ASP F 141 11.51 -14.28 -24.18
C ASP F 141 11.43 -15.24 -22.99
N TYR F 142 10.35 -15.13 -22.21
CA TYR F 142 10.06 -16.07 -21.14
C TYR F 142 8.55 -16.09 -20.98
N LYS F 143 8.05 -17.11 -20.25
CA LYS F 143 6.62 -17.26 -20.06
C LYS F 143 6.29 -17.01 -18.59
N SER F 144 5.33 -16.11 -18.34
CA SER F 144 4.88 -15.86 -16.98
C SER F 144 4.24 -17.11 -16.39
N CYS F 145 4.56 -17.41 -15.10
CA CYS F 145 3.98 -18.55 -14.42
C CYS F 145 2.45 -18.45 -14.32
N ALA F 146 1.90 -17.23 -14.37
CA ALA F 146 0.44 -17.06 -14.24
C ALA F 146 -0.25 -16.88 -15.60
N HIS F 147 0.48 -17.09 -16.71
CA HIS F 147 -0.07 -16.81 -18.03
C HIS F 147 -1.45 -17.43 -18.26
N ASP F 148 -1.67 -18.69 -17.86
CA ASP F 148 -2.90 -19.40 -18.16
C ASP F 148 -4.04 -18.97 -17.20
N TRP F 149 -3.72 -18.18 -16.18
CA TRP F 149 -4.73 -17.57 -15.31
C TRP F 149 -5.04 -16.13 -15.73
N VAL F 150 -4.24 -15.56 -16.63
CA VAL F 150 -4.46 -14.24 -17.20
C VAL F 150 -5.17 -14.32 -18.55
N TYR F 151 -4.87 -15.38 -19.30
CA TYR F 151 -5.42 -15.59 -20.66
C TYR F 151 -6.13 -16.93 -20.79
N GLU F 152 -7.29 -16.93 -21.47
CA GLU F 152 -7.97 -18.18 -21.80
C GLU F 152 -7.22 -18.86 -22.97
#